data_3KEE
#
_entry.id   3KEE
#
_cell.length_a   48.034
_cell.length_b   54.454
_cell.length_c   85.495
_cell.angle_alpha   92.44
_cell.angle_beta   93.16
_cell.angle_gamma   116.04
#
_symmetry.space_group_name_H-M   'P 1'
#
loop_
_entity.id
_entity.type
_entity.pdbx_description
1 polymer 'Genome polyprotein'
2 polymer '19-mer peptide from Genome polyprotein'
3 non-polymer (2R,3aR,10Z,11aS,12aR,14aR)-N-(cyclopropylsulfonyl)-2-({7-methoxy-8-methyl-2-[4-(1-methylethyl)-1,3-thiazol-2-yl]quinolin-4-yl}oxy)-5-methyl-4,14-dioxo-2,3,3a,4,5,6,7,8,9,11a,12,13,14,14a-tetradecahydrocyclopenta[c]cyclopropa[g][1,6]diazacyclotetradecine-12a(1H)-carboxamide
4 non-polymer 'ZINC ION'
5 non-polymer GLYCEROL
6 water water
#
loop_
_entity_poly.entity_id
_entity_poly.type
_entity_poly.pdbx_seq_one_letter_code
_entity_poly.pdbx_strand_id
1 'polypeptide(L)'
;MAPITAYSQQTRGLLGCIITSLTGRDKNQVEGEVQVVSTATQSFLATCVNGVCWTVYHGAGSKTLAGPKGPITQMYTNVD
QDLVGWQAPPGARSLTPCTCGSSDLYLVTRHADVIPVRRRGDSRGSLLSPRPVSYLKGSSGGPLLCPSGHAVGIFRAAVC
TRGVAKAVDFVPVESMETTMRSGSHHHHHH
;
A,B,C,D
2 'polypeptide(L)' KKGSVVIVGRIVLSGKPAIIPKK E,F,G,H
#
loop_
_chem_comp.id
_chem_comp.type
_chem_comp.name
_chem_comp.formula
30B non-polymer (2R,3aR,10Z,11aS,12aR,14aR)-N-(cyclopropylsulfonyl)-2-({7-methoxy-8-methyl-2-[4-(1-methylethyl)-1,3-thiazol-2-yl]quinolin-4-yl}oxy)-5-methyl-4,14-dioxo-2,3,3a,4,5,6,7,8,9,11a,12,13,14,14a-tetradecahydrocyclopenta[c]cyclopropa[g][1,6]diazacyclotetradecine-12a(1H)-carboxamide 'C38 H47 N5 O7 S2'
GOL non-polymer GLYCEROL 'C3 H8 O3'
ZN non-polymer 'ZINC ION' 'Zn 2'
#
# COMPACT_ATOMS: atom_id res chain seq x y z
N ILE A 4 18.40 7.18 8.75
CA ILE A 4 19.32 6.12 9.23
C ILE A 4 20.42 6.80 10.01
N THR A 5 21.07 6.08 10.93
CA THR A 5 22.43 6.49 11.35
C THR A 5 23.52 5.64 10.63
N ALA A 6 24.67 6.26 10.42
CA ALA A 6 25.71 5.67 9.61
C ALA A 6 27.08 5.98 10.19
N TYR A 7 27.98 5.00 10.16
CA TYR A 7 29.37 5.21 10.58
C TYR A 7 30.35 4.48 9.65
N SER A 8 31.54 5.06 9.48
CA SER A 8 32.60 4.45 8.62
C SER A 8 33.67 3.73 9.45
N GLN A 9 34.23 2.66 8.89
CA GLN A 9 35.36 1.97 9.49
C GLN A 9 36.42 1.81 8.44
N GLN A 10 37.62 2.29 8.74
CA GLN A 10 38.76 2.01 7.89
C GLN A 10 39.28 0.59 8.17
N THR A 11 39.77 -0.07 7.11
CA THR A 11 40.19 -1.45 7.27
C THR A 11 41.54 -1.78 6.62
N ARG A 12 41.98 -0.96 5.66
CA ARG A 12 43.41 -0.88 5.30
C ARG A 12 43.98 0.50 5.05
N GLY A 13 45.31 0.59 5.10
CA GLY A 13 46.00 1.85 4.93
C GLY A 13 46.35 2.07 3.47
N LEU A 14 47.20 3.05 3.23
CA LEU A 14 47.62 3.39 1.86
C LEU A 14 48.36 2.21 1.21
N LEU A 15 49.41 1.74 1.87
CA LEU A 15 50.24 0.65 1.35
C LEU A 15 49.52 -0.70 1.32
N GLY A 16 48.73 -1.00 2.35
CA GLY A 16 47.94 -2.22 2.34
C GLY A 16 47.11 -2.26 1.07
N CYS A 17 46.68 -1.08 0.64
CA CYS A 17 45.80 -0.93 -0.51
C CYS A 17 46.46 -1.15 -1.86
N ILE A 18 47.65 -0.60 -2.02
CA ILE A 18 48.42 -0.79 -3.26
C ILE A 18 48.80 -2.25 -3.49
N ILE A 19 49.22 -2.90 -2.41
CA ILE A 19 49.69 -4.28 -2.40
C ILE A 19 48.58 -5.23 -2.82
N THR A 20 47.45 -5.18 -2.11
CA THR A 20 46.22 -5.96 -2.41
C THR A 20 45.73 -5.73 -3.82
N SER A 21 46.00 -4.51 -4.31
CA SER A 21 45.65 -4.08 -5.64
C SER A 21 46.44 -4.91 -6.66
N LEU A 22 47.71 -5.14 -6.35
CA LEU A 22 48.58 -5.95 -7.18
C LEU A 22 48.26 -7.46 -7.03
N THR A 23 48.14 -7.96 -5.80
CA THR A 23 47.91 -9.38 -5.60
C THR A 23 46.54 -9.80 -6.09
N GLY A 24 45.52 -8.98 -5.82
CA GLY A 24 44.14 -9.32 -6.12
C GLY A 24 43.52 -10.16 -5.02
N ARG A 25 44.25 -10.36 -3.93
CA ARG A 25 43.83 -11.28 -2.86
C ARG A 25 43.56 -10.55 -1.56
N ASP A 26 42.32 -10.61 -1.10
CA ASP A 26 41.87 -9.88 0.08
C ASP A 26 41.20 -10.83 1.06
N LYS A 27 41.83 -11.04 2.21
CA LYS A 27 41.31 -11.99 3.20
C LYS A 27 40.58 -11.30 4.36
N ASN A 28 40.61 -9.96 4.37
CA ASN A 28 39.91 -9.18 5.39
C ASN A 28 38.44 -9.54 5.43
N GLN A 29 37.81 -9.31 6.56
CA GLN A 29 36.46 -9.76 6.75
C GLN A 29 35.62 -8.61 6.25
N VAL A 30 34.55 -8.95 5.54
CA VAL A 30 33.70 -7.95 4.90
C VAL A 30 32.38 -7.87 5.65
N GLU A 31 32.08 -6.68 6.14
CA GLU A 31 30.75 -6.38 6.68
C GLU A 31 30.12 -5.13 6.02
N GLY A 32 28.83 -4.96 6.21
CA GLY A 32 28.17 -3.75 5.78
C GLY A 32 27.55 -3.87 4.39
N GLU A 33 26.57 -3.00 4.14
CA GLU A 33 25.93 -2.85 2.82
C GLU A 33 26.78 -1.99 1.90
N VAL A 34 27.49 -1.04 2.47
CA VAL A 34 28.29 -0.05 1.72
C VAL A 34 29.80 -0.21 1.94
N GLN A 35 30.50 -0.57 0.86
CA GLN A 35 31.97 -0.73 0.88
C GLN A 35 32.69 0.52 0.43
N VAL A 36 33.81 0.83 1.08
CA VAL A 36 34.70 1.92 0.68
C VAL A 36 35.79 1.33 -0.20
N VAL A 37 35.80 1.71 -1.49
CA VAL A 37 36.69 1.05 -2.45
C VAL A 37 37.77 1.96 -3.07
N SER A 38 38.86 1.33 -3.51
CA SER A 38 40.02 2.02 -4.00
C SER A 38 40.72 1.31 -5.14
N THR A 39 41.15 2.09 -6.14
CA THR A 39 42.16 1.65 -7.06
C THR A 39 43.47 2.32 -6.64
N ALA A 40 44.55 2.09 -7.36
CA ALA A 40 45.83 2.73 -7.06
C ALA A 40 45.77 4.27 -7.07
N THR A 41 44.91 4.84 -7.90
CA THR A 41 44.84 6.29 -8.10
C THR A 41 43.56 6.98 -7.58
N GLN A 42 42.49 6.23 -7.30
CA GLN A 42 41.23 6.85 -6.80
C GLN A 42 40.36 6.01 -5.88
N SER A 43 39.56 6.69 -5.08
CA SER A 43 38.67 6.06 -4.15
C SER A 43 37.27 6.56 -4.36
N PHE A 44 36.33 5.64 -4.13
CA PHE A 44 34.91 5.81 -4.30
C PHE A 44 34.17 4.75 -3.47
N LEU A 45 32.87 4.56 -3.74
CA LEU A 45 32.02 3.62 -3.00
C LEU A 45 31.47 2.50 -3.87
N ALA A 46 31.14 1.38 -3.22
CA ALA A 46 30.35 0.32 -3.83
C ALA A 46 29.14 -0.07 -2.92
N THR A 47 27.96 -0.29 -3.51
CA THR A 47 26.82 -0.76 -2.76
C THR A 47 26.31 -2.09 -3.29
N CYS A 48 26.00 -2.99 -2.34
CA CYS A 48 25.45 -4.33 -2.60
C CYS A 48 23.95 -4.38 -2.55
N VAL A 49 23.38 -4.88 -3.64
CA VAL A 49 21.95 -5.10 -3.80
C VAL A 49 21.79 -6.41 -4.53
N ASN A 50 21.01 -7.34 -3.96
CA ASN A 50 20.66 -8.61 -4.65
C ASN A 50 21.88 -9.48 -4.89
N GLY A 51 22.78 -9.42 -3.91
CA GLY A 51 23.93 -10.29 -3.84
C GLY A 51 24.98 -9.84 -4.80
N VAL A 52 24.81 -8.66 -5.37
CA VAL A 52 25.81 -8.12 -6.29
C VAL A 52 26.36 -6.83 -5.73
N CYS A 53 27.67 -6.66 -5.79
CA CYS A 53 28.33 -5.44 -5.36
C CYS A 53 28.47 -4.47 -6.55
N TRP A 54 27.89 -3.29 -6.42
CA TRP A 54 27.77 -2.36 -7.56
C TRP A 54 28.55 -1.06 -7.36
N THR A 55 29.04 -0.48 -8.44
CA THR A 55 29.77 0.80 -8.33
C THR A 55 29.76 1.45 -9.69
N VAL A 56 30.52 2.54 -9.85
CA VAL A 56 30.56 3.29 -11.13
C VAL A 56 31.66 2.83 -12.13
N TYR A 57 31.38 2.89 -13.43
CA TYR A 57 32.43 2.54 -14.44
C TYR A 57 33.62 3.51 -14.44
N HIS A 58 33.35 4.80 -14.21
CA HIS A 58 34.39 5.82 -14.29
C HIS A 58 35.28 5.74 -13.07
N GLY A 59 34.88 4.87 -12.15
CA GLY A 59 35.64 4.55 -10.97
C GLY A 59 36.46 3.29 -11.15
N ALA A 60 35.78 2.17 -11.37
CA ALA A 60 36.40 0.85 -11.30
C ALA A 60 36.86 0.42 -12.68
N GLY A 61 36.33 1.11 -13.71
CA GLY A 61 36.50 0.72 -15.11
C GLY A 61 36.12 -0.73 -15.26
N SER A 62 37.01 -1.50 -15.88
CA SER A 62 36.79 -2.91 -16.12
C SER A 62 37.53 -3.80 -15.11
N LYS A 63 38.03 -3.19 -14.04
CA LYS A 63 38.88 -3.88 -13.07
C LYS A 63 38.17 -5.04 -12.37
N THR A 64 38.97 -6.04 -11.97
CA THR A 64 38.55 -7.04 -10.99
C THR A 64 38.47 -6.44 -9.57
N LEU A 65 37.82 -7.17 -8.68
CA LEU A 65 37.71 -6.79 -7.27
C LEU A 65 38.58 -7.77 -6.48
N ALA A 66 39.48 -7.23 -5.65
CA ALA A 66 40.31 -8.09 -4.80
C ALA A 66 39.43 -8.86 -3.79
N GLY A 67 39.63 -10.17 -3.70
CA GLY A 67 38.77 -11.05 -2.93
C GLY A 67 39.43 -12.23 -2.24
N PRO A 68 38.64 -13.02 -1.48
CA PRO A 68 39.26 -14.04 -0.59
C PRO A 68 39.87 -15.21 -1.35
N LYS A 69 39.39 -15.46 -2.57
CA LYS A 69 39.95 -16.51 -3.42
C LYS A 69 40.56 -15.88 -4.64
N GLY A 70 41.13 -14.68 -4.45
CA GLY A 70 41.79 -13.98 -5.54
C GLY A 70 40.84 -13.04 -6.27
N PRO A 71 41.27 -12.50 -7.43
CA PRO A 71 40.50 -11.50 -8.19
C PRO A 71 39.10 -11.96 -8.66
N ILE A 72 38.06 -11.22 -8.25
CA ILE A 72 36.69 -11.47 -8.69
C ILE A 72 36.46 -10.74 -10.03
N THR A 73 36.01 -11.45 -11.04
CA THR A 73 35.73 -10.84 -12.35
C THR A 73 34.38 -10.20 -12.22
N GLN A 74 34.16 -9.11 -12.95
CA GLN A 74 32.85 -8.44 -13.03
C GLN A 74 31.79 -9.36 -13.66
N MET A 75 30.59 -9.35 -13.07
CA MET A 75 29.46 -10.08 -13.61
C MET A 75 28.79 -9.23 -14.66
N TYR A 76 28.84 -7.91 -14.47
CA TYR A 76 28.31 -6.96 -15.44
C TYR A 76 29.19 -5.71 -15.59
N THR A 77 29.25 -5.23 -16.84
CA THR A 77 30.02 -4.08 -17.28
C THR A 77 29.13 -3.33 -18.30
N ASN A 78 28.37 -2.35 -17.81
CA ASN A 78 27.50 -1.53 -18.66
C ASN A 78 28.01 -0.09 -18.72
N VAL A 79 28.94 0.15 -19.65
CA VAL A 79 29.55 1.47 -19.86
C VAL A 79 28.53 2.59 -20.08
N ASP A 80 27.48 2.33 -20.86
CA ASP A 80 26.45 3.32 -21.17
C ASP A 80 25.74 3.89 -19.97
N GLN A 81 25.74 3.15 -18.87
CA GLN A 81 24.94 3.51 -17.70
C GLN A 81 25.86 3.82 -16.51
N ASP A 82 27.15 3.73 -16.78
CA ASP A 82 28.21 3.93 -15.80
C ASP A 82 28.15 2.88 -14.70
N LEU A 83 27.72 1.66 -15.01
CA LEU A 83 27.41 0.62 -14.04
C LEU A 83 28.31 -0.62 -14.19
N VAL A 84 28.99 -0.96 -13.10
CA VAL A 84 29.66 -2.28 -12.99
C VAL A 84 29.23 -3.03 -11.71
N GLY A 85 29.30 -4.36 -11.74
CA GLY A 85 29.01 -5.15 -10.58
C GLY A 85 29.77 -6.44 -10.53
N TRP A 86 30.24 -6.80 -9.35
CA TRP A 86 30.86 -8.10 -9.11
C TRP A 86 29.94 -8.94 -8.21
N GLN A 87 30.09 -10.27 -8.23
CA GLN A 87 29.48 -11.08 -7.18
C GLN A 87 30.03 -10.52 -5.87
N ALA A 88 29.13 -10.16 -4.96
CA ALA A 88 29.53 -9.54 -3.70
C ALA A 88 30.34 -10.53 -2.86
N PRO A 89 31.47 -10.08 -2.30
CA PRO A 89 32.29 -10.96 -1.41
C PRO A 89 31.54 -11.42 -0.13
N PRO A 90 31.84 -12.65 0.36
CA PRO A 90 31.14 -13.21 1.51
C PRO A 90 31.20 -12.31 2.74
N GLY A 91 30.05 -12.04 3.36
CA GLY A 91 30.00 -11.10 4.48
C GLY A 91 29.33 -9.81 4.04
N ALA A 92 29.40 -9.52 2.73
CA ALA A 92 28.72 -8.38 2.14
C ALA A 92 27.21 -8.46 2.39
N ARG A 93 26.68 -7.44 3.04
CA ARG A 93 25.23 -7.29 3.24
C ARG A 93 24.57 -6.67 2.03
N SER A 94 23.43 -7.21 1.62
CA SER A 94 22.67 -6.62 0.51
C SER A 94 21.53 -5.73 0.98
N LEU A 95 21.32 -4.59 0.32
CA LEU A 95 20.11 -3.79 0.49
C LEU A 95 18.99 -4.39 -0.34
N THR A 96 17.76 -4.16 0.08
CA THR A 96 16.64 -4.55 -0.76
C THR A 96 16.15 -3.37 -1.62
N PRO A 97 15.90 -3.63 -2.92
CA PRO A 97 15.32 -2.62 -3.86
C PRO A 97 14.06 -1.93 -3.32
N CYS A 98 14.06 -0.61 -3.38
CA CYS A 98 12.90 0.20 -3.01
C CYS A 98 11.77 -0.01 -3.99
N THR A 99 10.54 -0.09 -3.46
CA THR A 99 9.34 -0.35 -4.27
C THR A 99 8.20 0.62 -3.92
N CYS A 100 8.52 1.65 -3.15
CA CYS A 100 7.53 2.57 -2.63
C CYS A 100 7.45 3.93 -3.34
N GLY A 101 7.96 4.03 -4.57
CA GLY A 101 8.07 5.33 -5.29
C GLY A 101 8.13 6.62 -4.46
N SER A 102 8.90 6.62 -3.39
CA SER A 102 9.02 7.80 -2.51
C SER A 102 10.01 8.86 -3.03
N SER A 103 9.73 10.11 -2.69
CA SER A 103 10.56 11.25 -3.12
C SER A 103 11.43 11.83 -2.02
N ASP A 104 11.40 11.21 -0.84
CA ASP A 104 12.37 11.54 0.23
C ASP A 104 13.57 10.59 0.07
N LEU A 105 14.70 11.11 -0.34
CA LEU A 105 15.82 10.22 -0.57
C LEU A 105 16.95 10.66 0.31
N TYR A 106 17.87 9.74 0.62
CA TYR A 106 19.02 10.07 1.47
C TYR A 106 20.24 9.44 0.81
N LEU A 107 21.20 10.30 0.45
CA LEU A 107 22.45 9.88 -0.10
C LEU A 107 23.40 9.57 1.08
N VAL A 108 24.08 8.43 0.99
CA VAL A 108 25.16 8.13 1.92
C VAL A 108 26.51 8.36 1.22
N THR A 109 27.34 9.16 1.87
CA THR A 109 28.60 9.57 1.31
C THR A 109 29.71 8.77 1.98
N ARG A 110 30.94 8.93 1.50
CA ARG A 110 32.11 8.23 2.08
C ARG A 110 32.44 8.63 3.53
N HIS A 111 31.81 9.69 4.02
CA HIS A 111 32.08 10.20 5.35
C HIS A 111 31.00 9.74 6.27
N ALA A 112 30.08 8.94 5.74
CA ALA A 112 28.90 8.48 6.46
C ALA A 112 27.91 9.60 6.80
N ASP A 113 27.94 10.72 6.07
CA ASP A 113 26.82 11.67 6.21
C ASP A 113 25.65 11.10 5.44
N VAL A 114 24.44 11.21 6.01
CA VAL A 114 23.24 10.91 5.20
C VAL A 114 22.48 12.21 4.93
N ILE A 115 22.40 12.60 3.66
CA ILE A 115 21.89 13.91 3.33
C ILE A 115 20.60 13.83 2.51
N PRO A 116 19.57 14.60 2.89
CA PRO A 116 18.29 14.41 2.22
C PRO A 116 18.35 14.88 0.78
N VAL A 117 17.78 14.16 -0.18
CA VAL A 117 17.69 14.65 -1.56
C VAL A 117 16.23 14.46 -1.95
N ARG A 118 15.71 15.50 -2.60
CA ARG A 118 14.35 15.54 -3.12
C ARG A 118 14.31 14.97 -4.54
N ARG A 119 13.60 13.86 -4.73
CA ARG A 119 13.52 13.23 -6.04
C ARG A 119 12.85 14.15 -7.07
N ARG A 120 13.42 14.22 -8.27
CA ARG A 120 12.88 15.06 -9.37
C ARG A 120 12.63 14.29 -10.65
N GLY A 121 13.22 13.12 -10.76
CA GLY A 121 12.95 12.24 -11.87
C GLY A 121 13.39 10.85 -11.49
N ASP A 122 13.24 9.91 -12.40
CA ASP A 122 13.69 8.54 -12.20
C ASP A 122 15.15 8.34 -11.82
N SER A 123 15.99 9.36 -12.03
CA SER A 123 17.42 9.28 -11.74
C SER A 123 17.99 10.62 -11.29
N ARG A 124 17.13 11.47 -10.79
CA ARG A 124 17.55 12.80 -10.37
C ARG A 124 16.91 13.13 -9.05
N GLY A 125 17.68 13.86 -8.25
CA GLY A 125 17.16 14.51 -7.08
C GLY A 125 17.96 15.77 -6.82
N SER A 126 17.32 16.74 -6.19
CA SER A 126 17.99 17.94 -5.80
C SER A 126 18.44 17.81 -4.34
N LEU A 127 19.63 18.32 -4.04
CA LEU A 127 20.11 18.40 -2.67
C LEU A 127 19.24 19.39 -1.87
N LEU A 128 18.83 19.02 -0.65
CA LEU A 128 18.04 19.94 0.19
C LEU A 128 18.81 21.24 0.48
N SER A 129 20.10 21.08 0.78
CA SER A 129 21.07 22.18 0.74
C SER A 129 22.12 21.76 -0.27
N PRO A 130 22.50 22.69 -1.16
CA PRO A 130 23.66 22.47 -1.99
C PRO A 130 24.88 22.12 -1.12
N ARG A 131 25.93 21.59 -1.77
CA ARG A 131 27.14 21.16 -1.08
C ARG A 131 28.36 21.58 -1.91
N PRO A 132 29.54 21.69 -1.26
CA PRO A 132 30.77 21.82 -2.03
C PRO A 132 31.14 20.52 -2.78
N VAL A 133 31.48 20.64 -4.06
CA VAL A 133 31.89 19.52 -4.93
C VAL A 133 32.92 18.58 -4.25
N SER A 134 33.93 19.19 -3.63
CA SER A 134 34.94 18.51 -2.79
C SER A 134 34.39 17.54 -1.73
N TYR A 135 33.20 17.84 -1.22
CA TYR A 135 32.54 17.06 -0.20
C TYR A 135 31.78 15.86 -0.75
N LEU A 136 31.37 15.91 -2.02
CA LEU A 136 30.72 14.76 -2.63
C LEU A 136 31.68 13.90 -3.43
N LYS A 137 32.89 14.42 -3.73
CA LYS A 137 33.93 13.69 -4.48
C LYS A 137 34.33 12.41 -3.74
N GLY A 138 34.17 11.27 -4.40
CA GLY A 138 34.55 10.00 -3.79
C GLY A 138 33.42 9.20 -3.20
N SER A 139 32.19 9.67 -3.38
CA SER A 139 31.00 9.00 -2.86
C SER A 139 30.14 8.45 -4.01
N SER A 140 30.60 8.61 -5.24
CA SER A 140 29.98 7.91 -6.37
C SER A 140 30.00 6.41 -6.07
N GLY A 141 28.90 5.71 -6.35
CA GLY A 141 28.72 4.31 -5.91
C GLY A 141 28.04 4.17 -4.55
N GLY A 142 27.79 5.28 -3.87
CA GLY A 142 27.08 5.26 -2.61
C GLY A 142 25.58 5.14 -2.80
N PRO A 143 24.85 4.64 -1.81
CA PRO A 143 23.43 4.48 -2.08
C PRO A 143 22.55 5.72 -1.86
N LEU A 144 21.43 5.71 -2.57
CA LEU A 144 20.29 6.57 -2.23
C LEU A 144 19.20 5.68 -1.69
N LEU A 145 18.69 6.09 -0.53
CA LEU A 145 17.83 5.30 0.32
C LEU A 145 16.48 6.00 0.36
N CYS A 146 15.42 5.20 0.48
CA CYS A 146 14.08 5.73 0.73
C CYS A 146 13.82 5.69 2.24
N PRO A 147 12.74 6.33 2.73
CA PRO A 147 12.55 6.37 4.19
C PRO A 147 12.46 4.99 4.89
N SER A 148 12.14 3.93 4.17
CA SER A 148 12.26 2.57 4.70
C SER A 148 13.67 2.01 4.63
N GLY A 149 14.65 2.79 4.20
CA GLY A 149 16.02 2.24 4.10
C GLY A 149 16.24 1.16 3.03
N HIS A 150 15.44 1.20 1.96
CA HIS A 150 15.73 0.38 0.79
C HIS A 150 16.61 1.22 -0.16
N ALA A 151 17.31 0.55 -1.08
CA ALA A 151 18.06 1.18 -2.14
C ALA A 151 17.19 1.66 -3.31
N VAL A 152 17.23 2.97 -3.59
CA VAL A 152 16.62 3.57 -4.77
C VAL A 152 17.58 3.61 -6.02
N GLY A 153 18.88 3.57 -5.78
CA GLY A 153 19.89 3.72 -6.83
C GLY A 153 21.25 4.00 -6.22
N ILE A 154 22.27 4.16 -7.06
CA ILE A 154 23.63 4.53 -6.60
C ILE A 154 24.17 5.83 -7.23
N PHE A 155 24.82 6.65 -6.39
CA PHE A 155 25.40 7.97 -6.78
C PHE A 155 26.32 7.87 -8.00
N ARG A 156 26.01 8.61 -9.06
CA ARG A 156 26.79 8.65 -10.32
C ARG A 156 27.52 9.99 -10.64
N ALA A 157 26.76 11.09 -10.60
CA ALA A 157 27.25 12.41 -10.99
C ALA A 157 26.54 13.48 -10.15
N ALA A 158 27.15 14.63 -10.05
CA ALA A 158 26.47 15.79 -9.47
C ALA A 158 26.29 16.87 -10.56
N VAL A 159 25.21 17.67 -10.42
CA VAL A 159 24.99 18.86 -11.25
C VAL A 159 25.39 20.12 -10.46
N CYS A 160 26.35 20.84 -10.99
CA CYS A 160 27.06 21.88 -10.25
C CYS A 160 27.01 23.23 -10.97
N THR A 161 26.76 24.27 -10.18
CA THR A 161 26.83 25.67 -10.61
C THR A 161 27.99 26.26 -9.85
N ARG A 162 29.15 26.24 -10.49
CA ARG A 162 30.31 27.02 -10.11
C ARG A 162 31.05 26.42 -8.92
N GLY A 163 30.89 25.13 -8.71
CA GLY A 163 31.60 24.49 -7.62
C GLY A 163 30.73 23.97 -6.52
N VAL A 164 29.49 24.44 -6.42
CA VAL A 164 28.51 23.84 -5.53
C VAL A 164 27.60 22.88 -6.31
N ALA A 165 27.50 21.65 -5.81
CA ALA A 165 26.53 20.67 -6.30
C ALA A 165 25.14 21.07 -5.84
N LYS A 166 24.20 21.03 -6.78
CA LYS A 166 22.81 21.39 -6.53
C LYS A 166 21.87 20.17 -6.62
N ALA A 167 22.25 19.22 -7.46
CA ALA A 167 21.46 18.02 -7.65
C ALA A 167 22.37 16.81 -7.91
N VAL A 168 21.79 15.63 -7.86
CA VAL A 168 22.52 14.41 -8.04
C VAL A 168 21.87 13.53 -9.12
N ASP A 169 22.72 12.86 -9.89
CA ASP A 169 22.35 11.78 -10.78
C ASP A 169 22.75 10.47 -10.11
N PHE A 170 21.95 9.43 -10.32
CA PHE A 170 22.20 8.15 -9.74
C PHE A 170 21.69 7.05 -10.65
N VAL A 171 22.30 5.88 -10.52
CA VAL A 171 21.82 4.78 -11.28
C VAL A 171 20.60 4.28 -10.55
N PRO A 172 19.43 4.32 -11.22
CA PRO A 172 18.23 3.81 -10.57
C PRO A 172 18.33 2.29 -10.42
N VAL A 173 17.77 1.77 -9.34
CA VAL A 173 17.81 0.36 -9.03
C VAL A 173 17.02 -0.51 -10.01
N GLU A 174 16.03 0.02 -10.72
CA GLU A 174 15.28 -0.80 -11.70
C GLU A 174 16.21 -1.21 -12.83
N SER A 175 17.16 -0.33 -13.11
CA SER A 175 18.10 -0.57 -14.17
C SER A 175 19.27 -1.44 -13.72
N MET A 176 19.56 -1.49 -12.43
CA MET A 176 20.43 -2.53 -11.86
C MET A 176 19.78 -3.91 -11.97
N GLU A 177 18.48 -4.00 -11.78
CA GLU A 177 17.74 -5.26 -11.90
C GLU A 177 17.66 -5.70 -13.37
N THR A 178 17.35 -4.75 -14.24
CA THR A 178 17.35 -4.96 -15.69
C THR A 178 18.68 -5.60 -16.11
N THR A 179 19.79 -4.97 -15.74
CA THR A 179 21.06 -5.46 -16.22
C THR A 179 21.35 -6.87 -15.68
N MET A 180 20.69 -7.24 -14.58
CA MET A 180 20.73 -8.64 -14.10
C MET A 180 19.86 -9.55 -14.98
N ARG A 181 19.37 -9.00 -16.10
CA ARG A 181 18.36 -9.61 -16.99
C ARG A 181 17.09 -10.07 -16.25
N LYS B 2 43.85 -3.25 -15.28
CA LYS B 2 44.63 -4.53 -15.08
C LYS B 2 45.05 -4.80 -13.60
N GLY B 3 45.16 -3.76 -12.77
CA GLY B 3 45.23 -3.91 -11.31
C GLY B 3 43.82 -4.21 -10.79
N SER B 4 43.64 -4.33 -9.47
CA SER B 4 42.29 -4.56 -8.87
C SER B 4 41.70 -3.40 -8.06
N VAL B 5 40.37 -3.36 -8.03
CA VAL B 5 39.65 -2.52 -7.06
C VAL B 5 39.75 -3.20 -5.70
N VAL B 6 39.99 -2.39 -4.67
CA VAL B 6 40.28 -2.88 -3.33
C VAL B 6 39.33 -2.27 -2.30
N ILE B 7 38.75 -3.11 -1.43
CA ILE B 7 37.93 -2.66 -0.31
C ILE B 7 38.85 -2.14 0.81
N VAL B 8 38.75 -0.86 1.14
CA VAL B 8 39.60 -0.26 2.15
C VAL B 8 38.83 0.28 3.39
N GLY B 9 37.54 -0.07 3.46
CA GLY B 9 36.69 0.34 4.58
C GLY B 9 35.22 0.06 4.31
N ARG B 10 34.35 0.59 5.16
CA ARG B 10 32.93 0.33 5.01
C ARG B 10 32.09 1.38 5.73
N ILE B 11 30.88 1.60 5.21
CA ILE B 11 29.86 2.42 5.89
C ILE B 11 28.78 1.47 6.39
N VAL B 12 28.68 1.40 7.72
CA VAL B 12 27.69 0.56 8.38
C VAL B 12 26.45 1.41 8.60
N LEU B 13 25.31 0.86 8.20
CA LEU B 13 24.01 1.51 8.40
C LEU B 13 23.23 0.74 9.45
N ILE C 4 -8.20 6.48 -17.05
CA ILE C 4 -8.91 7.52 -16.23
C ILE C 4 -9.34 8.70 -17.09
N THR C 5 -10.62 8.72 -17.47
CA THR C 5 -11.14 9.80 -18.31
C THR C 5 -12.30 10.62 -17.67
N ALA C 6 -12.60 11.78 -18.26
CA ALA C 6 -13.60 12.71 -17.69
C ALA C 6 -14.37 13.46 -18.78
N TYR C 7 -15.65 13.73 -18.52
CA TYR C 7 -16.39 14.66 -19.38
C TYR C 7 -17.22 15.63 -18.56
N SER C 8 -17.30 16.86 -19.05
CA SER C 8 -18.09 17.88 -18.37
C SER C 8 -19.40 18.20 -19.05
N GLN C 9 -20.36 18.61 -18.24
CA GLN C 9 -21.64 19.11 -18.73
C GLN C 9 -21.95 20.35 -17.96
N GLN C 10 -22.41 21.37 -18.67
CA GLN C 10 -23.02 22.53 -18.03
C GLN C 10 -24.49 22.22 -17.88
N THR C 11 -25.03 22.42 -16.68
CA THR C 11 -26.43 22.12 -16.37
C THR C 11 -27.24 23.38 -16.10
N ARG C 12 -26.59 24.50 -15.85
CA ARG C 12 -27.35 25.72 -15.75
C ARG C 12 -26.49 26.91 -16.12
N GLY C 13 -27.12 27.92 -16.72
CA GLY C 13 -26.42 29.12 -17.16
C GLY C 13 -26.45 30.25 -16.16
N LEU C 14 -26.13 31.45 -16.64
CA LEU C 14 -25.97 32.62 -15.81
C LEU C 14 -27.18 33.00 -14.90
N LEU C 15 -28.40 33.09 -15.45
CA LEU C 15 -29.56 33.54 -14.67
C LEU C 15 -30.09 32.51 -13.65
N GLY C 16 -30.13 31.25 -14.05
CA GLY C 16 -30.48 30.16 -13.15
C GLY C 16 -29.53 30.05 -11.97
N CYS C 17 -28.23 30.20 -12.24
CA CYS C 17 -27.22 30.22 -11.22
C CYS C 17 -27.54 31.25 -10.15
N ILE C 18 -27.94 32.44 -10.57
CA ILE C 18 -28.17 33.54 -9.61
C ILE C 18 -29.48 33.39 -8.82
N ILE C 19 -30.57 33.07 -9.50
CA ILE C 19 -31.83 32.74 -8.81
C ILE C 19 -31.58 31.65 -7.78
N THR C 20 -30.96 30.55 -8.18
CA THR C 20 -30.62 29.43 -7.30
C THR C 20 -29.67 29.82 -6.16
N SER C 21 -28.80 30.80 -6.39
CA SER C 21 -27.99 31.38 -5.35
C SER C 21 -28.88 31.98 -4.26
N LEU C 22 -29.99 32.58 -4.69
CA LEU C 22 -30.84 33.45 -3.85
C LEU C 22 -31.80 32.63 -3.03
N THR C 23 -32.43 31.64 -3.64
CA THR C 23 -33.37 30.77 -2.94
C THR C 23 -32.67 29.64 -2.14
N GLY C 24 -31.54 29.16 -2.65
CA GLY C 24 -30.84 28.00 -2.08
C GLY C 24 -31.51 26.67 -2.36
N ARG C 25 -32.51 26.68 -3.23
CA ARG C 25 -33.32 25.53 -3.58
C ARG C 25 -32.95 25.05 -5.00
N ASP C 26 -32.45 23.82 -5.09
CA ASP C 26 -31.98 23.29 -6.36
C ASP C 26 -32.62 21.91 -6.58
N LYS C 27 -33.70 21.93 -7.35
CA LYS C 27 -34.40 20.72 -7.69
C LYS C 27 -33.62 19.89 -8.73
N ASN C 28 -32.72 20.52 -9.47
CA ASN C 28 -31.94 19.78 -10.50
C ASN C 28 -31.35 18.44 -10.01
N GLN C 29 -31.26 17.49 -10.91
CA GLN C 29 -30.72 16.19 -10.61
C GLN C 29 -29.18 16.20 -10.52
N VAL C 30 -28.68 15.76 -9.37
CA VAL C 30 -27.23 15.59 -9.10
C VAL C 30 -26.74 14.25 -9.63
N GLU C 31 -25.50 14.23 -10.12
CA GLU C 31 -24.85 13.01 -10.63
C GLU C 31 -23.37 13.30 -10.64
N GLY C 32 -22.60 12.22 -10.60
CA GLY C 32 -21.17 12.32 -10.82
C GLY C 32 -20.44 12.54 -9.53
N GLU C 33 -19.12 12.48 -9.64
CA GLU C 33 -18.19 12.68 -8.52
C GLU C 33 -17.81 14.16 -8.32
N VAL C 34 -17.62 14.89 -9.42
CA VAL C 34 -17.23 16.31 -9.39
C VAL C 34 -18.34 17.25 -9.84
N GLN C 35 -18.77 18.15 -8.95
CA GLN C 35 -19.67 19.22 -9.33
C GLN C 35 -18.87 20.46 -9.68
N VAL C 36 -19.29 21.14 -10.74
CA VAL C 36 -18.83 22.48 -11.02
C VAL C 36 -19.79 23.36 -10.23
N VAL C 37 -19.22 24.25 -9.43
CA VAL C 37 -20.02 25.10 -8.53
C VAL C 37 -19.74 26.62 -8.71
N SER C 38 -20.75 27.44 -8.44
CA SER C 38 -20.57 28.88 -8.49
C SER C 38 -21.32 29.66 -7.43
N THR C 39 -20.65 30.72 -6.99
CA THR C 39 -21.24 31.80 -6.20
C THR C 39 -21.54 32.94 -7.18
N ALA C 40 -21.90 34.13 -6.70
CA ALA C 40 -22.16 35.26 -7.62
C ALA C 40 -20.87 35.72 -8.22
N THR C 41 -19.77 35.60 -7.46
CA THR C 41 -18.49 36.24 -7.80
C THR C 41 -17.41 35.27 -8.30
N GLN C 42 -17.57 33.97 -7.99
CA GLN C 42 -16.55 33.00 -8.41
C GLN C 42 -16.97 31.57 -8.66
N SER C 43 -16.25 30.92 -9.57
CA SER C 43 -16.51 29.54 -9.91
C SER C 43 -15.32 28.63 -9.59
N PHE C 44 -15.65 27.42 -9.16
CA PHE C 44 -14.67 26.40 -8.76
C PHE C 44 -15.25 24.99 -8.78
N LEU C 45 -14.59 24.07 -8.05
CA LEU C 45 -14.99 22.67 -8.01
C LEU C 45 -15.35 22.14 -6.62
N ALA C 46 -16.09 21.04 -6.58
CA ALA C 46 -16.41 20.33 -5.34
C ALA C 46 -16.41 18.84 -5.63
N THR C 47 -15.81 18.07 -4.73
CA THR C 47 -15.56 16.66 -4.95
C THR C 47 -16.22 15.84 -3.84
N CYS C 48 -17.05 14.90 -4.26
CA CYS C 48 -17.73 13.98 -3.35
C CYS C 48 -16.86 12.83 -2.95
N VAL C 49 -16.56 12.74 -1.66
CA VAL C 49 -15.80 11.63 -1.07
C VAL C 49 -16.55 11.18 0.19
N ASN C 50 -16.93 9.91 0.26
CA ASN C 50 -17.60 9.31 1.43
C ASN C 50 -18.87 9.98 1.88
N GLY C 51 -19.71 10.41 0.97
CA GLY C 51 -20.99 10.93 1.42
C GLY C 51 -20.94 12.41 1.67
N VAL C 52 -19.72 12.94 1.70
CA VAL C 52 -19.48 14.37 1.88
C VAL C 52 -19.02 15.02 0.59
N CYS C 53 -19.63 16.16 0.31
CA CYS C 53 -19.23 17.07 -0.77
C CYS C 53 -18.17 18.08 -0.31
N TRP C 54 -16.91 17.92 -0.77
CA TRP C 54 -15.80 18.76 -0.30
C TRP C 54 -15.35 19.82 -1.27
N THR C 55 -15.08 21.00 -0.72
CA THR C 55 -14.46 22.11 -1.47
C THR C 55 -13.57 22.97 -0.57
N VAL C 56 -13.07 24.04 -1.15
CA VAL C 56 -12.14 24.96 -0.51
C VAL C 56 -12.88 26.15 0.07
N TYR C 57 -12.57 26.46 1.32
CA TYR C 57 -13.17 27.57 2.01
C TYR C 57 -12.98 28.93 1.28
N HIS C 58 -11.82 29.10 0.59
CA HIS C 58 -11.54 30.30 -0.27
C HIS C 58 -12.38 30.44 -1.52
N GLY C 59 -13.09 29.39 -1.89
CA GLY C 59 -14.19 29.52 -2.88
C GLY C 59 -15.56 29.68 -2.21
N ALA C 60 -15.86 28.82 -1.23
CA ALA C 60 -17.19 28.71 -0.67
C ALA C 60 -17.47 29.57 0.56
N GLY C 61 -16.44 30.08 1.22
CA GLY C 61 -16.63 30.74 2.51
C GLY C 61 -17.48 29.87 3.43
N SER C 62 -18.43 30.52 4.11
CA SER C 62 -19.26 29.86 5.11
C SER C 62 -20.62 29.38 4.49
N LYS C 63 -20.78 29.63 3.19
CA LYS C 63 -22.06 29.48 2.49
C LYS C 63 -22.77 28.12 2.59
N THR C 64 -24.06 28.14 2.33
CA THR C 64 -24.87 26.95 2.19
C THR C 64 -24.75 26.37 0.75
N LEU C 65 -25.09 25.09 0.60
CA LEU C 65 -25.23 24.49 -0.72
C LEU C 65 -26.70 24.43 -1.15
N ALA C 66 -26.98 24.89 -2.38
CA ALA C 66 -28.36 24.84 -2.89
C ALA C 66 -28.71 23.39 -3.07
N GLY C 67 -29.78 22.98 -2.40
CA GLY C 67 -30.15 21.59 -2.38
C GLY C 67 -31.59 21.40 -2.73
N PRO C 68 -32.00 20.12 -2.92
CA PRO C 68 -33.38 19.80 -3.33
C PRO C 68 -34.41 20.28 -2.32
N LYS C 69 -34.06 20.24 -1.03
CA LYS C 69 -35.01 20.57 0.05
C LYS C 69 -34.84 22.01 0.59
N GLY C 70 -34.10 22.85 -0.13
CA GLY C 70 -33.63 24.14 0.41
C GLY C 70 -32.13 24.09 0.69
N PRO C 71 -31.56 25.18 1.23
CA PRO C 71 -30.10 25.27 1.44
C PRO C 71 -29.54 24.20 2.38
N ILE C 72 -28.35 23.70 2.07
CA ILE C 72 -27.68 22.70 2.89
C ILE C 72 -26.65 23.40 3.77
N THR C 73 -26.66 23.16 5.08
CA THR C 73 -25.63 23.76 5.97
C THR C 73 -24.33 22.96 5.88
N GLN C 74 -23.21 23.67 5.98
CA GLN C 74 -21.93 22.99 6.08
C GLN C 74 -21.88 22.12 7.31
N MET C 75 -21.40 20.89 7.13
CA MET C 75 -21.15 20.03 8.27
C MET C 75 -19.78 20.33 8.82
N TYR C 76 -18.88 20.66 7.91
CA TYR C 76 -17.46 20.82 8.19
C TYR C 76 -16.94 22.12 7.61
N THR C 77 -16.16 22.84 8.41
CA THR C 77 -15.59 24.12 8.01
C THR C 77 -14.22 24.17 8.66
N ASN C 78 -13.18 23.80 7.91
CA ASN C 78 -11.86 23.77 8.49
C ASN C 78 -11.00 24.89 7.93
N VAL C 79 -11.04 26.07 8.54
CA VAL C 79 -10.25 27.21 7.99
C VAL C 79 -8.73 26.97 7.93
N ASP C 80 -8.20 26.24 8.92
CA ASP C 80 -6.78 25.82 9.01
C ASP C 80 -6.29 24.93 7.85
N GLN C 81 -7.24 24.25 7.18
CA GLN C 81 -6.94 23.46 5.97
C GLN C 81 -7.45 24.07 4.67
N ASP C 82 -8.23 25.14 4.74
CA ASP C 82 -8.96 25.66 3.56
C ASP C 82 -10.06 24.68 3.07
N LEU C 83 -10.75 24.03 4.02
CA LEU C 83 -11.65 22.91 3.72
C LEU C 83 -13.05 23.12 4.26
N VAL C 84 -14.05 23.06 3.38
CA VAL C 84 -15.42 22.92 3.86
C VAL C 84 -16.12 21.68 3.30
N GLY C 85 -17.14 21.19 3.99
CA GLY C 85 -17.92 20.08 3.49
C GLY C 85 -19.40 20.16 3.79
N TRP C 86 -20.21 19.71 2.84
CA TRP C 86 -21.66 19.50 3.00
C TRP C 86 -21.95 18.01 2.83
N GLN C 87 -22.97 17.50 3.52
CA GLN C 87 -23.60 16.20 3.16
C GLN C 87 -24.00 16.19 1.68
N ALA C 88 -23.35 15.35 0.87
CA ALA C 88 -23.63 15.34 -0.56
C ALA C 88 -25.11 15.02 -0.85
N PRO C 89 -25.75 15.77 -1.77
CA PRO C 89 -27.13 15.45 -2.10
C PRO C 89 -27.30 14.04 -2.71
N PRO C 90 -28.45 13.40 -2.44
CA PRO C 90 -28.87 12.17 -3.10
C PRO C 90 -28.62 12.27 -4.60
N GLY C 91 -27.91 11.30 -5.15
CA GLY C 91 -27.58 11.31 -6.56
C GLY C 91 -26.09 11.41 -6.74
N ALA C 92 -25.41 12.20 -5.91
CA ALA C 92 -23.95 12.29 -6.03
C ALA C 92 -23.30 10.91 -5.88
N ARG C 93 -22.39 10.59 -6.81
CA ARG C 93 -21.48 9.45 -6.64
C ARG C 93 -20.24 9.89 -5.86
N SER C 94 -20.09 9.43 -4.62
CA SER C 94 -18.90 9.74 -3.85
C SER C 94 -17.74 8.87 -4.32
N LEU C 95 -16.54 9.43 -4.38
CA LEU C 95 -15.31 8.66 -4.57
C LEU C 95 -14.99 7.88 -3.29
N THR C 96 -14.17 6.84 -3.44
CA THR C 96 -13.64 6.20 -2.23
C THR C 96 -12.18 6.60 -2.00
N PRO C 97 -11.82 6.88 -0.73
CA PRO C 97 -10.46 7.21 -0.31
C PRO C 97 -9.42 6.27 -0.85
N CYS C 98 -8.32 6.81 -1.36
CA CYS C 98 -7.22 6.01 -1.75
C CYS C 98 -6.51 5.44 -0.52
N THR C 99 -6.21 4.14 -0.55
CA THR C 99 -5.44 3.46 0.50
C THR C 99 -4.09 2.91 0.02
N CYS C 100 -3.89 2.61 -1.32
CA CYS C 100 -2.63 2.16 -2.01
C CYS C 100 -1.66 3.37 -1.85
N GLY C 101 -0.49 3.41 -1.27
CA GLY C 101 0.14 4.75 -1.26
C GLY C 101 0.80 5.09 -2.61
N SER C 102 0.04 5.16 -3.71
CA SER C 102 0.62 5.42 -5.05
C SER C 102 1.00 6.86 -5.18
N SER C 103 2.13 7.09 -5.84
CA SER C 103 2.61 8.45 -6.12
C SER C 103 2.30 8.89 -7.53
N ASP C 104 1.47 8.09 -8.20
CA ASP C 104 0.99 8.28 -9.55
C ASP C 104 -0.35 8.93 -9.48
N LEU C 105 -0.41 10.25 -9.60
CA LEU C 105 -1.65 10.96 -9.36
C LEU C 105 -2.18 11.58 -10.61
N TYR C 106 -3.46 11.89 -10.59
CA TYR C 106 -4.15 12.53 -11.72
C TYR C 106 -5.06 13.64 -11.20
N LEU C 107 -4.75 14.85 -11.64
CA LEU C 107 -5.51 15.99 -11.22
C LEU C 107 -6.56 16.21 -12.28
N VAL C 108 -7.80 16.38 -11.85
CA VAL C 108 -8.86 16.65 -12.80
C VAL C 108 -9.28 18.11 -12.72
N THR C 109 -9.28 18.80 -13.86
CA THR C 109 -9.65 20.23 -13.86
C THR C 109 -11.11 20.46 -14.22
N ARG C 110 -11.55 21.72 -14.03
CA ARG C 110 -12.91 22.18 -14.40
C ARG C 110 -13.26 22.00 -15.90
N HIS C 111 -12.25 21.90 -16.75
CA HIS C 111 -12.50 21.55 -18.16
C HIS C 111 -12.39 20.06 -18.42
N ALA C 112 -12.36 19.22 -17.40
CA ALA C 112 -12.26 17.77 -17.60
C ALA C 112 -10.94 17.30 -18.26
N ASP C 113 -9.90 18.09 -18.11
CA ASP C 113 -8.55 17.62 -18.35
C ASP C 113 -8.15 16.73 -17.17
N VAL C 114 -7.55 15.58 -17.45
CA VAL C 114 -6.87 14.84 -16.38
C VAL C 114 -5.36 14.99 -16.59
N ILE C 115 -4.66 15.45 -15.57
CA ILE C 115 -3.27 15.79 -15.78
C ILE C 115 -2.38 15.12 -14.75
N PRO C 116 -1.28 14.48 -15.22
CA PRO C 116 -0.40 13.68 -14.37
C PRO C 116 0.33 14.56 -13.36
N VAL C 117 0.49 14.06 -12.16
CA VAL C 117 1.23 14.76 -11.14
C VAL C 117 1.85 13.64 -10.28
N ARG C 118 3.04 13.89 -9.83
CA ARG C 118 3.82 12.95 -9.08
C ARG C 118 3.74 13.36 -7.64
N ARG C 119 3.26 12.47 -6.78
CA ARG C 119 3.12 12.77 -5.36
C ARG C 119 4.52 12.94 -4.76
N ARG C 120 4.71 14.04 -4.03
CA ARG C 120 5.99 14.36 -3.45
C ARG C 120 5.91 14.43 -1.93
N GLY C 121 4.69 14.56 -1.39
CA GLY C 121 4.40 14.42 0.06
C GLY C 121 2.94 14.23 0.38
N ASP C 122 2.56 14.43 1.65
CA ASP C 122 1.16 14.31 2.11
C ASP C 122 0.18 15.15 1.33
N SER C 123 0.61 16.37 0.99
CA SER C 123 -0.24 17.37 0.33
C SER C 123 0.38 18.03 -0.92
N ARG C 124 1.43 17.42 -1.47
CA ARG C 124 2.22 18.04 -2.52
C ARG C 124 2.48 17.11 -3.68
N GLY C 125 2.40 17.66 -4.90
CA GLY C 125 2.68 16.89 -6.09
C GLY C 125 3.21 17.78 -7.17
N SER C 126 4.16 17.28 -7.93
CA SER C 126 4.72 18.11 -8.99
C SER C 126 4.17 17.71 -10.36
N LEU C 127 3.86 18.72 -11.17
CA LEU C 127 3.37 18.52 -12.53
C LEU C 127 4.49 18.02 -13.44
N LEU C 128 4.15 17.15 -14.38
CA LEU C 128 5.14 16.69 -15.36
C LEU C 128 5.53 17.82 -16.32
N SER C 129 4.57 18.68 -16.63
CA SER C 129 4.76 19.82 -17.51
C SER C 129 4.25 21.04 -16.77
N PRO C 130 5.09 22.08 -16.69
CA PRO C 130 4.69 23.45 -16.31
C PRO C 130 3.44 23.92 -17.06
N ARG C 131 2.57 24.64 -16.34
CA ARG C 131 1.32 25.13 -16.90
C ARG C 131 1.20 26.59 -16.59
N PRO C 132 0.59 27.38 -17.51
CA PRO C 132 0.21 28.71 -17.10
C PRO C 132 -0.79 28.63 -15.97
N VAL C 133 -0.65 29.52 -15.02
CA VAL C 133 -1.60 29.63 -13.92
C VAL C 133 -3.09 29.60 -14.39
N SER C 134 -3.36 30.27 -15.52
CA SER C 134 -4.68 30.42 -16.13
C SER C 134 -5.45 29.11 -16.42
N TYR C 135 -4.70 28.07 -16.77
CA TYR C 135 -5.17 26.72 -17.07
C TYR C 135 -5.71 25.95 -15.83
N LEU C 136 -5.17 26.28 -14.64
CA LEU C 136 -5.57 25.64 -13.37
C LEU C 136 -6.58 26.44 -12.60
N LYS C 137 -6.60 27.76 -12.80
CA LYS C 137 -7.57 28.68 -12.16
C LYS C 137 -8.98 28.18 -12.35
N GLY C 138 -9.73 28.08 -11.25
CA GLY C 138 -11.08 27.53 -11.23
C GLY C 138 -11.23 26.03 -10.97
N SER C 139 -10.14 25.35 -10.63
CA SER C 139 -10.18 23.90 -10.38
C SER C 139 -9.85 23.53 -8.95
N SER C 140 -9.65 24.52 -8.09
CA SER C 140 -9.57 24.22 -6.67
C SER C 140 -10.86 23.51 -6.26
N GLY C 141 -10.77 22.54 -5.35
CA GLY C 141 -11.89 21.64 -5.07
C GLY C 141 -11.97 20.37 -5.93
N GLY C 142 -11.18 20.27 -6.99
CA GLY C 142 -11.20 19.12 -7.86
C GLY C 142 -10.33 17.97 -7.37
N PRO C 143 -10.51 16.75 -7.90
CA PRO C 143 -9.81 15.65 -7.25
C PRO C 143 -8.39 15.41 -7.74
N LEU C 144 -7.56 14.92 -6.82
CA LEU C 144 -6.38 14.20 -7.20
C LEU C 144 -6.71 12.75 -6.96
N LEU C 145 -6.21 11.91 -7.86
CA LEU C 145 -6.65 10.54 -8.02
C LEU C 145 -5.44 9.63 -8.22
N CYS C 146 -5.53 8.42 -7.68
CA CYS C 146 -4.49 7.42 -7.87
C CYS C 146 -4.90 6.65 -9.09
N PRO C 147 -4.09 5.70 -9.55
CA PRO C 147 -4.41 4.92 -10.76
C PRO C 147 -5.67 4.00 -10.64
N SER C 148 -6.11 3.71 -9.41
CA SER C 148 -7.41 3.04 -9.20
C SER C 148 -8.59 3.99 -9.29
N GLY C 149 -8.34 5.30 -9.41
CA GLY C 149 -9.41 6.31 -9.43
C GLY C 149 -10.04 6.61 -8.06
N HIS C 150 -9.34 6.31 -6.99
CA HIS C 150 -9.70 6.68 -5.64
C HIS C 150 -9.12 8.04 -5.23
N ALA C 151 -9.75 8.72 -4.28
CA ALA C 151 -9.41 10.10 -3.93
C ALA C 151 -8.18 10.24 -3.02
N VAL C 152 -7.20 11.03 -3.46
CA VAL C 152 -6.02 11.28 -2.66
C VAL C 152 -6.18 12.63 -1.98
N GLY C 153 -6.93 13.52 -2.63
CA GLY C 153 -7.29 14.80 -2.02
C GLY C 153 -7.96 15.72 -3.02
N ILE C 154 -8.08 16.99 -2.63
CA ILE C 154 -8.69 17.99 -3.49
C ILE C 154 -7.77 19.17 -3.69
N PHE C 155 -7.73 19.68 -4.93
CA PHE C 155 -6.78 20.72 -5.39
C PHE C 155 -7.03 21.96 -4.55
N ARG C 156 -5.96 22.58 -4.08
CA ARG C 156 -6.06 23.72 -3.16
C ARG C 156 -5.33 24.98 -3.65
N ALA C 157 -4.12 24.80 -4.13
CA ALA C 157 -3.29 25.90 -4.54
C ALA C 157 -2.24 25.36 -5.48
N ALA C 158 -1.59 26.25 -6.23
CA ALA C 158 -0.44 25.85 -7.02
C ALA C 158 0.81 26.54 -6.51
N VAL C 159 1.95 25.92 -6.83
CA VAL C 159 3.29 26.45 -6.55
C VAL C 159 3.95 26.74 -7.88
N CYS C 160 4.49 27.94 -7.97
CA CYS C 160 5.01 28.50 -9.20
C CYS C 160 6.51 28.73 -9.08
N THR C 161 7.20 28.69 -10.23
CA THR C 161 8.53 29.30 -10.38
C THR C 161 8.34 30.36 -11.44
N ARG C 162 8.66 31.62 -11.13
CA ARG C 162 8.53 32.69 -12.12
C ARG C 162 7.09 32.78 -12.66
N GLY C 163 6.11 32.58 -11.78
CA GLY C 163 4.71 32.78 -12.17
C GLY C 163 4.06 31.73 -13.07
N VAL C 164 4.79 30.65 -13.37
CA VAL C 164 4.12 29.49 -13.97
C VAL C 164 4.05 28.28 -12.99
N ALA C 165 2.94 27.54 -13.08
CA ALA C 165 2.64 26.43 -12.18
C ALA C 165 3.54 25.26 -12.45
N LYS C 166 4.35 24.90 -11.46
CA LYS C 166 5.16 23.67 -11.56
C LYS C 166 4.79 22.57 -10.57
N ALA C 167 3.97 22.88 -9.57
CA ALA C 167 3.57 21.89 -8.57
C ALA C 167 2.20 22.28 -8.08
N VAL C 168 1.52 21.38 -7.39
CA VAL C 168 0.22 21.68 -6.83
C VAL C 168 0.17 21.22 -5.38
N ASP C 169 -0.64 21.93 -4.60
CA ASP C 169 -0.86 21.69 -3.19
C ASP C 169 -2.31 21.23 -3.03
N PHE C 170 -2.52 20.22 -2.18
CA PHE C 170 -3.85 19.67 -1.95
C PHE C 170 -4.16 19.29 -0.52
N VAL C 171 -5.45 19.34 -0.19
CA VAL C 171 -5.95 18.89 1.11
C VAL C 171 -5.92 17.36 1.08
N PRO C 172 -5.14 16.71 1.97
CA PRO C 172 -5.04 15.25 1.90
C PRO C 172 -6.33 14.55 2.30
N VAL C 173 -6.66 13.41 1.69
CA VAL C 173 -7.82 12.60 2.07
C VAL C 173 -7.84 12.26 3.58
N GLU C 174 -6.68 11.97 4.18
CA GLU C 174 -6.58 11.73 5.62
C GLU C 174 -7.00 12.92 6.45
N SER C 175 -6.61 14.11 6.02
CA SER C 175 -7.07 15.33 6.68
C SER C 175 -8.55 15.63 6.44
N MET C 176 -9.12 15.10 5.36
CA MET C 176 -10.57 15.15 5.16
C MET C 176 -11.29 14.27 6.17
N GLU C 177 -10.77 13.05 6.38
CA GLU C 177 -11.27 12.09 7.38
C GLU C 177 -11.13 12.57 8.84
N THR C 178 -10.03 13.24 9.16
CA THR C 178 -9.82 13.79 10.49
C THR C 178 -10.93 14.78 10.87
N THR C 179 -11.18 15.77 10.01
CA THR C 179 -12.28 16.73 10.23
C THR C 179 -13.69 16.08 10.34
N MET C 180 -13.88 14.90 9.75
CA MET C 180 -15.07 14.09 9.97
C MET C 180 -15.12 13.53 11.41
N ARG C 181 -14.52 14.26 12.35
CA ARG C 181 -14.56 13.93 13.78
C ARG C 181 -14.90 15.17 14.62
N LYS D 2 -24.03 35.14 2.32
CA LYS D 2 -25.47 34.81 2.67
C LYS D 2 -26.34 34.33 1.46
N GLY D 3 -25.75 34.36 0.25
CA GLY D 3 -26.22 33.56 -0.91
C GLY D 3 -25.74 32.11 -0.78
N SER D 4 -26.06 31.26 -1.76
CA SER D 4 -25.61 29.84 -1.74
C SER D 4 -24.56 29.54 -2.79
N VAL D 5 -23.79 28.48 -2.56
CA VAL D 5 -23.03 27.83 -3.63
C VAL D 5 -24.03 27.03 -4.45
N VAL D 6 -23.83 27.08 -5.78
CA VAL D 6 -24.78 26.50 -6.72
C VAL D 6 -24.03 25.54 -7.60
N ILE D 7 -24.58 24.35 -7.80
CA ILE D 7 -24.03 23.42 -8.78
C ILE D 7 -24.46 23.88 -10.17
N VAL D 8 -23.47 24.27 -11.00
CA VAL D 8 -23.75 24.83 -12.33
C VAL D 8 -23.48 23.82 -13.44
N GLY D 9 -22.89 22.69 -13.06
CA GLY D 9 -22.55 21.65 -14.02
C GLY D 9 -21.83 20.53 -13.31
N ARG D 10 -21.24 19.62 -14.09
CA ARG D 10 -20.63 18.46 -13.45
C ARG D 10 -19.57 17.79 -14.30
N ILE D 11 -18.66 17.07 -13.63
CA ILE D 11 -17.61 16.30 -14.30
C ILE D 11 -17.74 14.83 -13.89
N VAL D 12 -18.11 13.99 -14.86
CA VAL D 12 -18.41 12.57 -14.61
C VAL D 12 -17.15 11.75 -14.95
N LEU D 13 -16.68 10.98 -13.98
CA LEU D 13 -15.54 10.11 -14.19
C LEU D 13 -16.08 8.71 -14.42
N ILE E 4 0.80 -7.35 2.00
CA ILE E 4 1.67 -8.55 1.75
C ILE E 4 0.92 -9.56 0.87
N THR E 5 1.57 -10.00 -0.22
CA THR E 5 1.00 -11.01 -1.12
C THR E 5 2.11 -12.00 -1.63
N ALA E 6 1.73 -13.21 -2.00
CA ALA E 6 2.76 -14.21 -2.38
C ALA E 6 2.40 -15.11 -3.53
N TYR E 7 3.41 -15.46 -4.34
CA TYR E 7 3.22 -16.51 -5.33
C TYR E 7 4.45 -17.44 -5.50
N SER E 8 4.19 -18.73 -5.59
CA SER E 8 5.28 -19.70 -5.74
C SER E 8 5.49 -20.11 -7.20
N GLN E 9 6.74 -20.48 -7.49
CA GLN E 9 7.12 -21.06 -8.78
C GLN E 9 8.09 -22.18 -8.54
N GLN E 10 7.76 -23.36 -9.04
CA GLN E 10 8.67 -24.49 -8.99
C GLN E 10 9.66 -24.35 -10.15
N THR E 11 10.95 -24.55 -9.89
CA THR E 11 11.94 -24.35 -10.95
C THR E 11 12.73 -25.58 -11.34
N ARG E 12 12.63 -26.65 -10.57
CA ARG E 12 13.17 -27.92 -11.03
C ARG E 12 12.44 -29.12 -10.46
N GLY E 13 12.59 -30.27 -11.11
CA GLY E 13 11.89 -31.47 -10.70
C GLY E 13 12.77 -32.42 -9.92
N LEU E 14 12.20 -33.60 -9.66
CA LEU E 14 12.84 -34.68 -8.93
C LEU E 14 14.25 -35.07 -9.44
N LEU E 15 14.38 -35.41 -10.72
CA LEU E 15 15.70 -35.83 -11.22
C LEU E 15 16.72 -34.70 -11.17
N GLY E 16 16.27 -33.51 -11.65
CA GLY E 16 17.08 -32.30 -11.63
C GLY E 16 17.64 -31.92 -10.27
N CYS E 17 16.86 -32.16 -9.23
CA CYS E 17 17.18 -31.77 -7.86
C CYS E 17 18.24 -32.70 -7.26
N ILE E 18 18.09 -33.98 -7.52
CA ILE E 18 19.05 -35.03 -7.13
C ILE E 18 20.42 -34.82 -7.77
N ILE E 19 20.42 -34.57 -9.09
CA ILE E 19 21.63 -34.26 -9.82
C ILE E 19 22.33 -33.05 -9.20
N THR E 20 21.67 -31.88 -9.25
CA THR E 20 22.21 -30.63 -8.68
C THR E 20 22.71 -30.81 -7.23
N SER E 21 22.04 -31.68 -6.49
CA SER E 21 22.47 -32.10 -5.15
C SER E 21 23.88 -32.79 -5.16
N LEU E 22 24.09 -33.68 -6.14
CA LEU E 22 25.35 -34.42 -6.33
C LEU E 22 26.50 -33.56 -6.87
N THR E 23 26.23 -32.66 -7.81
CA THR E 23 27.29 -31.79 -8.35
C THR E 23 27.53 -30.53 -7.50
N GLY E 24 26.44 -29.95 -6.97
CA GLY E 24 26.50 -28.72 -6.16
C GLY E 24 26.54 -27.44 -7.00
N ARG E 25 26.32 -27.59 -8.30
CA ARG E 25 26.41 -26.50 -9.27
C ARG E 25 25.02 -26.17 -9.87
N ASP E 26 24.49 -25.02 -9.48
CA ASP E 26 23.16 -24.61 -9.91
C ASP E 26 23.28 -23.33 -10.73
N LYS E 27 23.06 -23.49 -12.02
CA LYS E 27 23.21 -22.40 -12.96
C LYS E 27 21.93 -21.63 -13.08
N ASN E 28 20.81 -22.29 -12.75
CA ASN E 28 19.52 -21.60 -12.73
C ASN E 28 19.63 -20.17 -12.24
N GLN E 29 18.74 -19.35 -12.76
CA GLN E 29 18.63 -17.99 -12.36
C GLN E 29 17.92 -17.98 -11.01
N VAL E 30 18.54 -17.30 -10.06
CA VAL E 30 17.93 -17.12 -8.76
C VAL E 30 17.18 -15.80 -8.69
N GLU E 31 16.07 -15.80 -7.97
CA GLU E 31 15.36 -14.56 -7.69
C GLU E 31 14.31 -14.74 -6.60
N GLY E 32 13.72 -13.65 -6.15
CA GLY E 32 12.68 -13.74 -5.16
C GLY E 32 13.32 -13.70 -3.80
N GLU E 33 12.50 -13.60 -2.76
CA GLU E 33 12.98 -13.44 -1.39
C GLU E 33 13.11 -14.76 -0.65
N VAL E 34 12.24 -15.70 -1.00
CA VAL E 34 12.08 -16.95 -0.28
C VAL E 34 12.40 -18.06 -1.27
N GLN E 35 13.46 -18.83 -1.00
CA GLN E 35 13.74 -20.04 -1.79
C GLN E 35 13.08 -21.28 -1.19
N VAL E 36 12.45 -22.10 -2.05
CA VAL E 36 12.00 -23.41 -1.67
C VAL E 36 13.18 -24.33 -1.96
N VAL E 37 13.70 -24.95 -0.91
CA VAL E 37 14.88 -25.76 -1.02
C VAL E 37 14.65 -27.27 -0.73
N SER E 38 15.53 -28.12 -1.28
CA SER E 38 15.53 -29.54 -0.98
C SER E 38 16.87 -30.24 -0.93
N THR E 39 16.88 -31.24 -0.04
CA THR E 39 17.94 -32.24 -0.01
C THR E 39 17.34 -33.50 -0.64
N ALA E 40 18.09 -34.60 -0.70
CA ALA E 40 17.53 -35.90 -1.12
C ALA E 40 16.38 -36.39 -0.22
N THR E 41 16.42 -36.07 1.08
CA THR E 41 15.41 -36.58 2.03
C THR E 41 14.29 -35.65 2.45
N GLN E 42 14.54 -34.35 2.55
CA GLN E 42 13.41 -33.45 2.88
C GLN E 42 13.44 -32.13 2.14
N SER E 43 12.34 -31.41 2.32
CA SER E 43 12.09 -30.13 1.68
C SER E 43 11.57 -29.13 2.74
N PHE E 44 12.01 -27.88 2.51
CA PHE E 44 11.76 -26.76 3.43
C PHE E 44 12.06 -25.43 2.73
N LEU E 45 12.07 -24.35 3.49
CA LEU E 45 12.26 -23.02 2.91
C LEU E 45 13.57 -22.42 3.37
N ALA E 46 13.92 -21.29 2.76
CA ALA E 46 15.08 -20.49 3.11
C ALA E 46 14.79 -19.03 2.78
N THR E 47 15.08 -18.14 3.73
CA THR E 47 14.72 -16.73 3.61
C THR E 47 15.97 -15.86 3.59
N CYS E 48 15.99 -14.93 2.62
CA CYS E 48 17.09 -14.01 2.43
C CYS E 48 16.84 -12.71 3.17
N VAL E 49 17.74 -12.41 4.11
CA VAL E 49 17.69 -11.20 4.89
C VAL E 49 19.12 -10.69 4.88
N ASN E 50 19.32 -9.48 4.35
CA ASN E 50 20.62 -8.79 4.39
C ASN E 50 21.78 -9.49 3.74
N GLY E 51 21.54 -10.07 2.58
CA GLY E 51 22.63 -10.68 1.83
C GLY E 51 22.82 -12.13 2.21
N VAL E 52 22.15 -12.57 3.30
CA VAL E 52 22.31 -13.94 3.81
C VAL E 52 21.06 -14.80 3.57
N CYS E 53 21.28 -15.98 3.00
CA CYS E 53 20.25 -16.99 2.82
C CYS E 53 20.10 -17.83 4.11
N TRP E 54 19.04 -17.55 4.88
CA TRP E 54 18.87 -18.20 6.18
C TRP E 54 17.91 -19.40 6.11
N THR E 55 18.28 -20.49 6.77
CA THR E 55 17.36 -21.62 6.94
C THR E 55 17.66 -22.39 8.20
N VAL E 56 16.81 -23.40 8.48
CA VAL E 56 16.86 -24.18 9.73
C VAL E 56 17.83 -25.35 9.65
N TYR E 57 18.66 -25.47 10.69
CA TYR E 57 19.67 -26.54 10.80
C TYR E 57 19.00 -27.92 10.74
N HIS E 58 17.78 -28.04 11.29
CA HIS E 58 17.12 -29.36 11.21
C HIS E 58 16.67 -29.76 9.80
N GLY E 59 16.77 -28.83 8.84
CA GLY E 59 16.53 -29.12 7.44
C GLY E 59 17.83 -29.24 6.64
N ALA E 60 18.69 -28.25 6.78
CA ALA E 60 19.89 -28.21 5.98
C ALA E 60 21.06 -28.96 6.61
N GLY E 61 21.02 -29.14 7.93
CA GLY E 61 22.12 -29.78 8.63
C GLY E 61 23.33 -28.97 8.29
N SER E 62 24.43 -29.65 7.98
CA SER E 62 25.68 -28.95 7.68
C SER E 62 25.85 -28.61 6.20
N LYS E 63 24.90 -28.98 5.37
CA LYS E 63 25.04 -28.94 3.89
C LYS E 63 25.49 -27.60 3.30
N THR E 64 26.20 -27.72 2.16
CA THR E 64 26.43 -26.63 1.20
C THR E 64 25.17 -26.35 0.42
N LEU E 65 25.11 -25.17 -0.19
CA LEU E 65 24.04 -24.74 -1.11
C LEU E 65 24.56 -24.81 -2.54
N ALA E 66 23.84 -25.47 -3.43
CA ALA E 66 24.22 -25.48 -4.83
C ALA E 66 24.07 -24.07 -5.38
N GLY E 67 25.04 -23.67 -6.19
CA GLY E 67 25.14 -22.30 -6.66
C GLY E 67 25.83 -22.19 -8.00
N PRO E 68 25.91 -20.95 -8.54
CA PRO E 68 26.45 -20.64 -9.88
C PRO E 68 27.88 -21.10 -10.10
N LYS E 69 28.71 -20.97 -9.07
CA LYS E 69 30.12 -21.30 -9.16
C LYS E 69 30.48 -22.58 -8.36
N GLY E 70 29.58 -23.56 -8.29
CA GLY E 70 29.74 -24.73 -7.40
C GLY E 70 29.08 -24.61 -6.02
N PRO E 71 29.47 -25.47 -5.04
CA PRO E 71 28.89 -25.42 -3.67
C PRO E 71 29.21 -24.15 -2.85
N ILE E 72 28.22 -23.64 -2.14
CA ILE E 72 28.44 -22.56 -1.20
C ILE E 72 28.53 -23.15 0.19
N THR E 73 29.68 -22.94 0.83
CA THR E 73 29.89 -23.34 2.21
C THR E 73 29.16 -22.39 3.12
N GLN E 74 28.61 -22.92 4.21
CA GLN E 74 27.88 -22.09 5.16
C GLN E 74 28.82 -21.06 5.78
N MET E 75 28.36 -19.81 5.77
CA MET E 75 28.98 -18.75 6.53
C MET E 75 28.71 -18.99 8.00
N TYR E 76 27.43 -19.18 8.34
CA TYR E 76 26.97 -19.29 9.73
C TYR E 76 26.26 -20.61 10.01
N THR E 77 26.57 -21.23 11.14
CA THR E 77 25.95 -22.48 11.56
C THR E 77 25.69 -22.35 13.06
N ASN E 78 24.45 -22.14 13.46
CA ASN E 78 24.21 -21.99 14.88
C ASN E 78 23.24 -23.08 15.36
N VAL E 79 23.80 -24.20 15.85
CA VAL E 79 22.96 -25.33 16.29
C VAL E 79 22.11 -24.90 17.49
N ASP E 80 22.63 -23.99 18.30
CA ASP E 80 21.92 -23.47 19.48
C ASP E 80 20.60 -22.79 19.18
N GLN E 81 20.50 -22.26 17.95
CA GLN E 81 19.33 -21.57 17.48
C GLN E 81 18.59 -22.36 16.39
N ASP E 82 19.17 -23.47 15.92
CA ASP E 82 18.63 -24.26 14.79
C ASP E 82 18.75 -23.46 13.49
N LEU E 83 19.89 -22.75 13.35
CA LEU E 83 20.07 -21.73 12.31
C LEU E 83 21.32 -21.97 11.47
N VAL E 84 21.17 -21.86 10.15
CA VAL E 84 22.32 -21.81 9.22
C VAL E 84 22.15 -20.67 8.21
N GLY E 85 23.24 -20.18 7.67
CA GLY E 85 23.19 -19.21 6.59
C GLY E 85 24.31 -19.35 5.57
N TRP E 86 23.96 -19.19 4.31
CA TRP E 86 24.92 -18.98 3.22
C TRP E 86 24.81 -17.56 2.66
N GLN E 87 25.92 -17.07 2.08
CA GLN E 87 25.92 -15.87 1.25
C GLN E 87 24.94 -16.07 0.09
N ALA E 88 23.84 -15.31 0.13
CA ALA E 88 22.85 -15.40 -0.94
C ALA E 88 23.52 -15.22 -2.33
N PRO E 89 23.15 -16.06 -3.30
CA PRO E 89 23.73 -15.92 -4.63
C PRO E 89 23.15 -14.71 -5.38
N PRO E 90 23.93 -14.09 -6.27
CA PRO E 90 23.43 -12.99 -7.10
C PRO E 90 22.05 -13.28 -7.69
N GLY E 91 21.19 -12.28 -7.63
CA GLY E 91 19.84 -12.48 -8.08
C GLY E 91 18.92 -12.52 -6.88
N ALA E 92 19.30 -13.20 -5.80
CA ALA E 92 18.41 -13.32 -4.64
C ALA E 92 18.05 -11.92 -4.10
N ARG E 93 16.78 -11.74 -3.77
CA ARG E 93 16.28 -10.46 -3.27
C ARG E 93 16.15 -10.56 -1.77
N SER E 94 17.00 -9.85 -1.04
CA SER E 94 16.95 -9.91 0.41
C SER E 94 15.84 -9.01 1.00
N LEU E 95 15.36 -9.38 2.20
CA LEU E 95 14.43 -8.57 2.97
C LEU E 95 15.21 -7.67 3.91
N THR E 96 14.59 -6.58 4.37
CA THR E 96 15.29 -5.77 5.37
C THR E 96 14.68 -6.10 6.74
N PRO E 97 15.52 -6.19 7.77
CA PRO E 97 15.07 -6.40 9.15
C PRO E 97 13.93 -5.45 9.58
N CYS E 98 12.90 -6.00 10.20
CA CYS E 98 11.87 -5.19 10.82
C CYS E 98 12.45 -4.38 12.00
N THR E 99 12.04 -3.11 12.13
CA THR E 99 12.53 -2.24 13.21
C THR E 99 11.38 -1.43 13.79
N CYS E 100 10.16 -1.89 13.55
CA CYS E 100 8.95 -1.21 14.03
C CYS E 100 8.24 -2.05 15.10
N GLY E 101 8.96 -2.90 15.82
CA GLY E 101 8.37 -3.86 16.79
C GLY E 101 6.85 -4.09 16.84
N SER E 102 6.20 -4.18 15.69
CA SER E 102 4.76 -4.38 15.71
C SER E 102 4.50 -5.83 16.03
N SER E 103 3.24 -6.13 16.35
CA SER E 103 2.82 -7.45 16.77
C SER E 103 1.84 -8.09 15.81
N ASP E 104 1.54 -7.38 14.71
CA ASP E 104 0.85 -7.96 13.56
C ASP E 104 1.84 -8.58 12.58
N LEU E 105 1.87 -9.91 12.55
CA LEU E 105 2.81 -10.61 11.69
C LEU E 105 2.09 -11.49 10.68
N TYR E 106 2.84 -11.89 9.68
CA TYR E 106 2.36 -12.72 8.59
C TYR E 106 3.42 -13.78 8.34
N LEU E 107 2.97 -15.04 8.35
CA LEU E 107 3.83 -16.14 8.06
C LEU E 107 3.53 -16.56 6.64
N VAL E 108 4.60 -16.80 5.89
CA VAL E 108 4.50 -17.26 4.51
C VAL E 108 4.91 -18.73 4.44
N THR E 109 4.02 -19.56 3.90
CA THR E 109 4.24 -21.02 3.81
C THR E 109 4.83 -21.42 2.46
N ARG E 110 5.19 -22.70 2.31
CA ARG E 110 5.77 -23.24 1.06
C ARG E 110 4.77 -23.22 -0.11
N HIS E 111 3.48 -23.06 0.21
CA HIS E 111 2.43 -22.97 -0.79
C HIS E 111 2.08 -21.51 -1.00
N ALA E 112 2.86 -20.63 -0.43
CA ALA E 112 2.68 -19.17 -0.58
C ALA E 112 1.35 -18.64 0.03
N ASP E 113 0.83 -19.34 1.02
CA ASP E 113 -0.20 -18.77 1.91
C ASP E 113 0.43 -17.73 2.81
N VAL E 114 -0.17 -16.56 2.94
CA VAL E 114 0.28 -15.67 4.02
C VAL E 114 -0.78 -15.68 5.14
N ILE E 115 -0.40 -16.17 6.31
CA ILE E 115 -1.36 -16.32 7.38
C ILE E 115 -1.02 -15.42 8.56
N PRO E 116 -2.07 -14.77 9.12
CA PRO E 116 -1.96 -13.87 10.27
C PRO E 116 -1.47 -14.61 11.51
N VAL E 117 -0.53 -14.07 12.26
CA VAL E 117 -0.13 -14.63 13.51
C VAL E 117 0.17 -13.41 14.36
N ARG E 118 -0.32 -13.45 15.60
CA ARG E 118 -0.20 -12.39 16.55
C ARG E 118 1.07 -12.59 17.42
N ARG E 119 1.96 -11.61 17.37
CA ARG E 119 3.17 -11.66 18.15
C ARG E 119 2.86 -11.58 19.65
N ARG E 120 3.46 -12.50 20.42
CA ARG E 120 3.14 -12.69 21.84
C ARG E 120 4.38 -12.62 22.71
N GLY E 121 5.53 -12.51 22.06
CA GLY E 121 6.81 -12.46 22.72
C GLY E 121 7.86 -12.41 21.62
N ASP E 122 9.10 -12.18 21.99
CA ASP E 122 10.11 -11.91 20.99
C ASP E 122 10.54 -13.06 20.06
N SER E 123 10.05 -14.28 20.32
CA SER E 123 10.28 -15.44 19.42
C SER E 123 9.01 -16.30 19.25
N ARG E 124 7.88 -15.71 19.55
CA ARG E 124 6.65 -16.45 19.72
C ARG E 124 5.52 -15.65 19.06
N GLY E 125 4.60 -16.35 18.41
CA GLY E 125 3.36 -15.74 17.93
C GLY E 125 2.24 -16.75 17.91
N SER E 126 1.01 -16.31 18.05
CA SER E 126 -0.11 -17.22 17.91
C SER E 126 -0.82 -17.06 16.57
N LEU E 127 -1.26 -18.17 16.00
CA LEU E 127 -2.19 -18.17 14.89
C LEU E 127 -3.60 -17.80 15.35
N LEU E 128 -4.37 -17.17 14.45
CA LEU E 128 -5.72 -16.71 14.78
C LEU E 128 -6.78 -17.80 14.55
N SER E 129 -6.38 -18.89 13.90
CA SER E 129 -7.24 -20.06 13.79
C SER E 129 -6.32 -21.25 13.76
N PRO E 130 -6.72 -22.35 14.43
CA PRO E 130 -5.83 -23.51 14.51
C PRO E 130 -5.59 -24.08 13.12
N ARG E 131 -4.45 -24.74 12.95
CA ARG E 131 -4.13 -25.32 11.65
C ARG E 131 -3.63 -26.72 11.89
N PRO E 132 -4.05 -27.68 11.06
CA PRO E 132 -3.34 -28.96 11.09
C PRO E 132 -1.84 -28.74 10.88
N VAL E 133 -1.06 -29.56 11.55
CA VAL E 133 0.37 -29.60 11.45
C VAL E 133 0.89 -29.78 9.98
N SER E 134 0.22 -30.63 9.22
CA SER E 134 0.60 -30.95 7.84
C SER E 134 0.57 -29.73 6.92
N TYR E 135 -0.16 -28.70 7.36
CA TYR E 135 -0.30 -27.41 6.68
C TYR E 135 0.88 -26.44 6.91
N LEU E 136 1.64 -26.63 8.00
CA LEU E 136 2.84 -25.84 8.28
C LEU E 136 4.11 -26.63 7.94
N LYS E 137 3.96 -27.94 7.78
CA LYS E 137 5.07 -28.85 7.53
C LYS E 137 5.73 -28.53 6.19
N GLY E 138 7.06 -28.54 6.16
CA GLY E 138 7.81 -28.04 5.00
C GLY E 138 7.95 -26.51 4.86
N SER E 139 7.36 -25.74 5.78
CA SER E 139 7.46 -24.29 5.79
C SER E 139 8.49 -23.67 6.75
N SER E 140 9.18 -24.49 7.54
CA SER E 140 10.30 -24.00 8.35
C SER E 140 11.33 -23.31 7.46
N GLY E 141 11.95 -22.24 7.95
CA GLY E 141 12.80 -21.41 7.11
C GLY E 141 12.05 -20.30 6.42
N GLY E 142 10.75 -20.28 6.53
CA GLY E 142 9.98 -19.27 5.85
C GLY E 142 9.88 -18.02 6.69
N PRO E 143 9.60 -16.89 6.04
CA PRO E 143 9.57 -15.55 6.64
C PRO E 143 8.39 -15.30 7.58
N LEU E 144 8.65 -14.69 8.73
CA LEU E 144 7.59 -13.99 9.47
C LEU E 144 7.80 -12.53 9.13
N LEU E 145 6.68 -11.89 8.77
CA LEU E 145 6.68 -10.58 8.13
C LEU E 145 5.85 -9.59 8.93
N CYS E 146 6.32 -8.33 8.99
CA CYS E 146 5.54 -7.24 9.53
C CYS E 146 4.69 -6.63 8.40
N PRO E 147 3.74 -5.71 8.73
CA PRO E 147 2.90 -5.13 7.66
C PRO E 147 3.65 -4.24 6.63
N SER E 148 4.84 -3.74 6.99
CA SER E 148 5.76 -3.16 6.02
C SER E 148 6.53 -4.20 5.16
N GLY E 149 6.18 -5.48 5.25
CA GLY E 149 6.94 -6.56 4.60
C GLY E 149 8.40 -6.64 5.00
N HIS E 150 8.73 -6.24 6.22
CA HIS E 150 10.08 -6.45 6.73
C HIS E 150 10.13 -7.71 7.59
N ALA E 151 11.33 -8.24 7.79
CA ALA E 151 11.53 -9.59 8.32
C ALA E 151 11.65 -9.57 9.83
N VAL E 152 10.80 -10.33 10.51
CA VAL E 152 10.84 -10.35 11.97
C VAL E 152 11.55 -11.60 12.47
N GLY E 153 11.53 -12.66 11.66
CA GLY E 153 12.27 -13.87 11.94
C GLY E 153 11.99 -15.01 10.96
N ILE E 154 12.56 -16.19 11.21
CA ILE E 154 12.26 -17.32 10.35
C ILE E 154 11.62 -18.45 11.13
N PHE E 155 10.61 -19.05 10.52
CA PHE E 155 9.75 -20.08 11.15
C PHE E 155 10.60 -21.29 11.59
N ARG E 156 10.62 -21.61 12.89
CA ARG E 156 11.38 -22.76 13.36
C ARG E 156 10.49 -23.99 13.68
N ALA E 157 9.41 -23.77 14.44
CA ALA E 157 8.64 -24.87 14.97
C ALA E 157 7.26 -24.35 15.26
N ALA E 158 6.34 -25.31 15.37
CA ALA E 158 4.96 -25.05 15.81
C ALA E 158 4.70 -25.52 17.27
N VAL E 159 3.83 -24.76 17.97
CA VAL E 159 3.33 -25.12 19.30
C VAL E 159 1.89 -25.62 19.20
N CYS E 160 1.67 -26.83 19.73
CA CYS E 160 0.41 -27.51 19.57
C CYS E 160 -0.28 -27.68 20.92
N THR E 161 -1.61 -27.74 20.88
CA THR E 161 -2.42 -28.30 21.95
C THR E 161 -3.12 -29.52 21.37
N ARG E 162 -2.83 -30.71 21.86
CA ARG E 162 -3.58 -31.90 21.47
C ARG E 162 -3.34 -32.19 19.99
N GLY E 163 -2.12 -31.93 19.52
CA GLY E 163 -1.73 -32.24 18.14
C GLY E 163 -2.10 -31.22 17.10
N VAL E 164 -2.80 -30.15 17.49
CA VAL E 164 -3.14 -29.08 16.54
C VAL E 164 -2.28 -27.82 16.73
N ALA E 165 -1.87 -27.19 15.62
CA ALA E 165 -1.00 -26.01 15.71
C ALA E 165 -1.80 -24.77 16.10
N LYS E 166 -1.35 -24.10 17.16
CA LYS E 166 -2.00 -22.86 17.60
C LYS E 166 -1.02 -21.74 17.87
N ALA E 167 0.27 -22.00 17.65
CA ALA E 167 1.29 -20.99 17.86
C ALA E 167 2.52 -21.43 17.05
N VAL E 168 3.40 -20.49 16.80
CA VAL E 168 4.60 -20.78 16.05
C VAL E 168 5.80 -20.16 16.79
N ASP E 169 6.93 -20.86 16.74
CA ASP E 169 8.19 -20.41 17.31
C ASP E 169 9.14 -20.06 16.14
N PHE E 170 9.89 -18.99 16.30
CA PHE E 170 10.73 -18.49 15.24
C PHE E 170 12.03 -17.92 15.76
N VAL E 171 13.11 -18.11 14.99
CA VAL E 171 14.38 -17.43 15.19
C VAL E 171 14.16 -15.96 14.91
N PRO E 172 14.34 -15.09 15.91
CA PRO E 172 14.08 -13.65 15.65
C PRO E 172 15.21 -13.00 14.86
N VAL E 173 14.87 -12.07 13.99
CA VAL E 173 15.85 -11.37 13.17
C VAL E 173 17.02 -10.85 14.02
N GLU E 174 16.72 -10.42 15.24
CA GLU E 174 17.76 -9.96 16.14
C GLU E 174 18.83 -11.04 16.42
N SER E 175 18.45 -12.28 16.64
CA SER E 175 19.44 -13.36 16.80
C SER E 175 20.18 -13.70 15.50
N MET E 176 19.59 -13.40 14.35
CA MET E 176 20.25 -13.62 13.09
C MET E 176 21.35 -12.60 12.92
N GLU E 177 21.14 -11.39 13.46
CA GLU E 177 22.15 -10.33 13.44
C GLU E 177 23.33 -10.66 14.39
N THR E 178 22.99 -11.18 15.56
CA THR E 178 23.97 -11.64 16.53
C THR E 178 24.88 -12.76 15.99
N THR E 179 24.30 -13.72 15.19
CA THR E 179 25.18 -14.82 14.66
C THR E 179 26.16 -14.25 13.56
N MET E 180 25.82 -13.11 12.91
CA MET E 180 26.78 -12.36 12.09
C MET E 180 27.63 -11.40 12.96
N ARG E 181 28.87 -11.80 13.31
CA ARG E 181 29.77 -10.94 14.09
C ARG E 181 30.03 -11.56 15.45
N LYS F 2 26.86 -35.36 2.54
CA LYS F 2 27.78 -34.57 1.65
C LYS F 2 27.15 -34.13 0.31
N GLY F 3 25.85 -34.45 0.13
CA GLY F 3 24.99 -33.80 -0.89
C GLY F 3 24.77 -32.32 -0.54
N SER F 4 24.18 -31.57 -1.48
CA SER F 4 23.92 -30.14 -1.27
C SER F 4 22.44 -29.84 -1.07
N VAL F 5 22.15 -28.71 -0.44
CA VAL F 5 20.81 -28.18 -0.42
C VAL F 5 20.59 -27.56 -1.80
N VAL F 6 19.40 -27.77 -2.36
CA VAL F 6 19.09 -27.37 -3.75
C VAL F 6 17.85 -26.49 -3.82
N ILE F 7 17.95 -25.36 -4.52
CA ILE F 7 16.79 -24.49 -4.74
C ILE F 7 15.89 -25.17 -5.80
N VAL F 8 14.66 -25.53 -5.41
CA VAL F 8 13.73 -26.22 -6.31
C VAL F 8 12.53 -25.37 -6.74
N GLY F 9 12.49 -24.14 -6.22
CA GLY F 9 11.46 -23.17 -6.58
C GLY F 9 11.61 -21.88 -5.82
N ARG F 10 10.66 -20.97 -6.00
CA ARG F 10 10.69 -19.76 -5.17
C ARG F 10 9.31 -19.24 -4.75
N ILE F 11 9.32 -18.34 -3.77
CA ILE F 11 8.15 -17.55 -3.45
C ILE F 11 8.50 -16.07 -3.60
N VAL F 12 7.77 -15.39 -4.48
CA VAL F 12 7.98 -13.97 -4.73
C VAL F 12 6.96 -13.19 -3.92
N LEU F 13 7.43 -12.14 -3.25
CA LEU F 13 6.54 -11.18 -2.56
C LEU F 13 6.60 -9.81 -3.25
N ILE G 4 -9.85 -4.70 4.24
CA ILE G 4 -11.33 -4.64 4.53
C ILE G 4 -11.69 -5.09 5.97
N THR G 5 -11.65 -4.16 6.93
CA THR G 5 -11.95 -4.49 8.35
C THR G 5 -13.25 -3.86 8.95
N ALA G 6 -13.91 -4.58 9.85
CA ALA G 6 -15.15 -4.04 10.45
C ALA G 6 -15.34 -4.30 11.95
N TYR G 7 -15.62 -3.23 12.69
CA TYR G 7 -16.15 -3.38 14.03
C TYR G 7 -17.57 -2.80 14.07
N SER G 8 -18.38 -3.24 15.02
CA SER G 8 -19.69 -2.65 15.21
C SER G 8 -19.75 -1.73 16.46
N GLN G 9 -20.83 -0.98 16.60
CA GLN G 9 -21.00 -0.02 17.70
C GLN G 9 -22.47 0.18 17.99
N GLN G 10 -22.92 -0.27 19.16
CA GLN G 10 -24.27 0.02 19.62
C GLN G 10 -24.39 1.48 20.12
N THR G 11 -25.45 2.15 19.70
CA THR G 11 -25.60 3.57 20.03
C THR G 11 -26.84 3.89 20.89
N ARG G 12 -27.75 2.92 20.98
CA ARG G 12 -28.86 2.99 21.90
C ARG G 12 -29.35 1.61 22.35
N GLY G 13 -30.06 1.60 23.49
CA GLY G 13 -30.62 0.40 24.09
C GLY G 13 -32.06 0.15 23.66
N LEU G 14 -32.63 -0.92 24.22
CA LEU G 14 -33.94 -1.46 23.85
C LEU G 14 -35.09 -0.45 23.99
N LEU G 15 -35.17 0.22 25.13
CA LEU G 15 -36.23 1.21 25.38
C LEU G 15 -35.93 2.51 24.67
N GLY G 16 -34.68 2.94 24.74
CA GLY G 16 -34.17 4.02 23.89
C GLY G 16 -34.58 3.92 22.44
N CYS G 17 -34.63 2.69 21.92
CA CYS G 17 -35.09 2.43 20.55
C CYS G 17 -36.61 2.52 20.36
N ILE G 18 -37.39 1.89 21.23
CA ILE G 18 -38.85 1.99 21.16
C ILE G 18 -39.33 3.46 21.16
N ILE G 19 -38.81 4.23 22.11
CA ILE G 19 -39.15 5.64 22.24
C ILE G 19 -38.93 6.44 20.95
N THR G 20 -37.73 6.31 20.38
CA THR G 20 -37.35 7.02 19.15
C THR G 20 -38.23 6.58 18.00
N SER G 21 -38.55 5.30 17.99
CA SER G 21 -39.50 4.73 17.03
C SER G 21 -40.87 5.40 17.14
N LEU G 22 -41.31 5.67 18.37
CA LEU G 22 -42.55 6.41 18.59
C LEU G 22 -42.45 7.90 18.20
N THR G 23 -41.37 8.60 18.61
CA THR G 23 -41.25 10.05 18.32
C THR G 23 -40.87 10.40 16.88
N GLY G 24 -40.00 9.58 16.28
CA GLY G 24 -39.49 9.83 14.93
C GLY G 24 -38.32 10.79 14.92
N ARG G 25 -37.83 11.15 16.09
CA ARG G 25 -36.79 12.18 16.23
C ARG G 25 -35.51 11.62 16.88
N ASP G 26 -34.54 11.31 16.02
CA ASP G 26 -33.25 10.80 16.45
C ASP G 26 -32.23 11.94 16.36
N LYS G 27 -31.70 12.32 17.52
CA LYS G 27 -30.72 13.38 17.61
C LYS G 27 -29.29 12.88 17.63
N ASN G 28 -29.10 11.58 17.83
CA ASN G 28 -27.74 11.00 17.85
C ASN G 28 -26.92 11.38 16.61
N GLN G 29 -25.62 11.48 16.83
CA GLN G 29 -24.70 11.76 15.78
C GLN G 29 -24.59 10.46 15.02
N VAL G 30 -24.66 10.57 13.69
CA VAL G 30 -24.57 9.43 12.77
C VAL G 30 -23.18 9.38 12.13
N GLU G 31 -22.59 8.18 12.09
CA GLU G 31 -21.38 7.94 11.32
C GLU G 31 -21.34 6.52 10.70
N GLY G 32 -20.48 6.30 9.71
CA GLY G 32 -20.40 5.00 9.02
C GLY G 32 -21.23 4.85 7.74
N GLU G 33 -20.85 3.86 6.94
CA GLU G 33 -21.55 3.51 5.69
C GLU G 33 -22.72 2.54 5.92
N VAL G 34 -22.62 1.75 7.00
CA VAL G 34 -23.58 0.66 7.35
C VAL G 34 -24.22 0.93 8.71
N GLN G 35 -25.54 1.12 8.72
CA GLN G 35 -26.29 1.37 9.97
C GLN G 35 -26.95 0.09 10.45
N VAL G 36 -26.88 -0.16 11.75
CA VAL G 36 -27.76 -1.15 12.39
C VAL G 36 -29.07 -0.44 12.72
N VAL G 37 -30.16 -0.94 12.18
CA VAL G 37 -31.48 -0.31 12.30
C VAL G 37 -32.50 -1.27 12.92
N SER G 38 -33.53 -0.70 13.54
CA SER G 38 -34.51 -1.48 14.27
C SER G 38 -35.89 -0.86 14.13
N THR G 39 -36.91 -1.71 14.05
CA THR G 39 -38.31 -1.31 14.25
C THR G 39 -38.79 -1.81 15.64
N ALA G 40 -40.08 -1.66 15.96
CA ALA G 40 -40.56 -2.12 17.28
C ALA G 40 -40.35 -3.60 17.50
N THR G 41 -40.20 -4.37 16.42
CA THR G 41 -40.30 -5.84 16.47
C THR G 41 -39.14 -6.59 15.79
N GLN G 42 -38.50 -5.97 14.79
CA GLN G 42 -37.30 -6.57 14.13
C GLN G 42 -36.08 -5.65 13.85
N SER G 43 -34.89 -6.21 13.84
CA SER G 43 -33.66 -5.48 13.52
C SER G 43 -32.91 -6.05 12.29
N PHE G 44 -32.39 -5.11 11.50
CA PHE G 44 -31.66 -5.42 10.28
C PHE G 44 -30.63 -4.30 10.03
N LEU G 45 -30.22 -4.13 8.78
CA LEU G 45 -29.21 -3.14 8.41
C LEU G 45 -29.68 -2.22 7.28
N ALA G 46 -29.02 -1.07 7.15
CA ALA G 46 -29.13 -0.24 5.93
C ALA G 46 -27.74 0.26 5.49
N THR G 47 -27.54 0.52 4.20
CA THR G 47 -26.23 0.87 3.66
C THR G 47 -26.36 2.11 2.82
N CYS G 48 -25.38 3.02 2.89
CA CYS G 48 -25.46 4.25 2.17
C CYS G 48 -24.65 4.22 0.91
N VAL G 49 -25.33 4.56 -0.18
CA VAL G 49 -24.74 4.61 -1.52
C VAL G 49 -25.39 5.78 -2.23
N ASN G 50 -24.59 6.70 -2.78
CA ASN G 50 -25.07 7.85 -3.56
C ASN G 50 -26.02 8.72 -2.78
N GLY G 51 -25.76 8.79 -1.48
CA GLY G 51 -26.44 9.77 -0.62
C GLY G 51 -27.76 9.29 -0.07
N VAL G 52 -28.09 8.04 -0.41
CA VAL G 52 -29.39 7.49 -0.05
C VAL G 52 -29.10 6.30 0.86
N CYS G 53 -29.85 6.20 1.94
CA CYS G 53 -29.72 5.09 2.83
C CYS G 53 -30.70 3.95 2.43
N TRP G 54 -30.16 2.84 1.92
CA TRP G 54 -30.99 1.81 1.37
C TRP G 54 -31.11 0.65 2.32
N THR G 55 -32.29 0.04 2.35
CA THR G 55 -32.49 -1.21 3.06
C THR G 55 -33.61 -2.01 2.41
N VAL G 56 -34.01 -3.12 3.02
CA VAL G 56 -35.05 -4.02 2.49
C VAL G 56 -36.49 -3.67 2.86
N TYR G 57 -37.40 -3.80 1.90
CA TYR G 57 -38.83 -3.61 2.18
C TYR G 57 -39.37 -4.54 3.28
N HIS G 58 -38.93 -5.81 3.30
CA HIS G 58 -39.44 -6.82 4.27
C HIS G 58 -38.93 -6.58 5.66
N GLY G 59 -38.08 -5.57 5.79
CA GLY G 59 -37.64 -5.12 7.09
C GLY G 59 -38.35 -3.83 7.43
N ALA G 60 -38.22 -2.83 6.55
CA ALA G 60 -38.63 -1.48 6.88
C ALA G 60 -40.08 -1.15 6.53
N GLY G 61 -40.72 -1.97 5.70
CA GLY G 61 -42.03 -1.64 5.18
C GLY G 61 -42.01 -0.26 4.56
N SER G 62 -43.09 0.49 4.77
CA SER G 62 -43.20 1.81 4.19
C SER G 62 -42.69 2.85 5.15
N LYS G 63 -42.06 2.41 6.24
CA LYS G 63 -41.74 3.28 7.36
C LYS G 63 -40.79 4.47 7.09
N THR G 64 -41.04 5.53 7.84
CA THR G 64 -40.18 6.70 7.90
C THR G 64 -38.97 6.31 8.71
N LEU G 65 -37.87 7.08 8.56
CA LEU G 65 -36.63 6.88 9.31
C LEU G 65 -36.50 7.97 10.35
N ALA G 66 -36.23 7.60 11.60
CA ALA G 66 -36.07 8.63 12.63
C ALA G 66 -34.83 9.47 12.37
N GLY G 67 -35.03 10.75 12.13
CA GLY G 67 -33.96 11.69 11.80
C GLY G 67 -33.82 12.86 12.77
N PRO G 68 -32.88 13.80 12.48
CA PRO G 68 -32.53 14.90 13.41
C PRO G 68 -33.58 16.01 13.44
N LYS G 69 -34.39 16.08 12.39
CA LYS G 69 -35.41 17.13 12.21
C LYS G 69 -36.81 16.55 12.02
N GLY G 70 -37.12 15.48 12.77
CA GLY G 70 -38.37 14.76 12.62
C GLY G 70 -38.19 13.58 11.69
N PRO G 71 -39.25 12.76 11.49
CA PRO G 71 -39.14 11.53 10.67
C PRO G 71 -38.88 11.75 9.19
N ILE G 72 -38.03 10.91 8.60
CA ILE G 72 -37.67 11.04 7.20
C ILE G 72 -38.49 10.09 6.36
N THR G 73 -39.33 10.66 5.51
CA THR G 73 -40.10 9.98 4.50
C THR G 73 -39.17 9.30 3.45
N GLN G 74 -39.56 8.10 3.07
CA GLN G 74 -38.85 7.34 2.03
C GLN G 74 -38.85 8.07 0.69
N MET G 75 -37.68 8.13 0.09
CA MET G 75 -37.53 8.69 -1.24
C MET G 75 -37.93 7.66 -2.26
N TYR G 76 -37.56 6.42 -2.04
CA TYR G 76 -37.99 5.36 -2.93
C TYR G 76 -38.54 4.21 -2.11
N THR G 77 -39.64 3.65 -2.59
CA THR G 77 -40.21 2.42 -2.08
C THR G 77 -40.35 1.52 -3.32
N ASN G 78 -39.54 0.47 -3.40
CA ASN G 78 -39.61 -0.48 -4.56
C ASN G 78 -40.01 -1.88 -4.07
N VAL G 79 -41.29 -2.08 -3.77
CA VAL G 79 -41.79 -3.35 -3.19
C VAL G 79 -41.36 -4.57 -4.02
N ASP G 80 -41.27 -4.40 -5.35
CA ASP G 80 -40.86 -5.48 -6.28
C ASP G 80 -39.41 -5.96 -6.14
N GLN G 81 -38.50 -5.03 -5.82
CA GLN G 81 -37.12 -5.39 -5.58
C GLN G 81 -36.82 -5.56 -4.09
N ASP G 82 -37.79 -5.33 -3.21
CA ASP G 82 -37.56 -5.43 -1.76
C ASP G 82 -36.54 -4.37 -1.34
N LEU G 83 -36.70 -3.17 -1.94
CA LEU G 83 -35.72 -2.09 -1.84
C LEU G 83 -36.47 -0.83 -1.40
N VAL G 84 -36.00 -0.23 -0.32
CA VAL G 84 -36.41 1.13 0.06
C VAL G 84 -35.17 2.03 0.33
N GLY G 85 -35.36 3.34 0.20
CA GLY G 85 -34.33 4.33 0.45
C GLY G 85 -34.85 5.62 1.03
N TRP G 86 -34.10 6.14 2.01
CA TRP G 86 -34.27 7.49 2.53
C TRP G 86 -33.05 8.35 2.21
N GLN G 87 -33.24 9.66 2.05
CA GLN G 87 -32.11 10.62 2.07
C GLN G 87 -31.25 10.31 3.29
N ALA G 88 -29.99 9.97 3.07
CA ALA G 88 -29.10 9.61 4.17
C ALA G 88 -29.12 10.72 5.21
N PRO G 89 -29.27 10.36 6.51
CA PRO G 89 -29.15 11.35 7.58
C PRO G 89 -27.73 11.96 7.66
N PRO G 90 -27.63 13.24 8.05
CA PRO G 90 -26.31 13.88 8.12
C PRO G 90 -25.25 13.13 8.97
N GLY G 91 -24.12 12.84 8.35
CA GLY G 91 -23.03 12.12 8.99
C GLY G 91 -22.89 10.72 8.41
N ALA G 92 -23.92 10.29 7.67
CA ALA G 92 -23.85 9.00 6.97
C ALA G 92 -22.90 9.07 5.79
N ARG G 93 -21.98 8.13 5.76
CA ARG G 93 -20.99 8.02 4.71
C ARG G 93 -21.43 7.12 3.58
N SER G 94 -21.16 7.51 2.34
CA SER G 94 -21.62 6.73 1.20
C SER G 94 -20.53 5.89 0.56
N LEU G 95 -20.87 4.63 0.30
CA LEU G 95 -20.06 3.72 -0.53
C LEU G 95 -20.16 4.11 -2.02
N THR G 96 -19.11 3.87 -2.81
CA THR G 96 -19.23 4.15 -4.22
C THR G 96 -19.63 2.84 -4.89
N PRO G 97 -20.51 2.91 -5.90
CA PRO G 97 -20.94 1.69 -6.56
C PRO G 97 -19.79 1.00 -7.30
N CYS G 98 -19.84 -0.33 -7.34
CA CYS G 98 -18.78 -1.09 -7.92
C CYS G 98 -18.89 -1.07 -9.44
N THR G 99 -17.81 -0.70 -10.12
CA THR G 99 -17.80 -0.69 -11.59
C THR G 99 -16.77 -1.64 -12.17
N CYS G 100 -16.17 -2.48 -11.34
CA CYS G 100 -15.00 -3.30 -11.76
C CYS G 100 -15.32 -4.73 -12.19
N GLY G 101 -16.60 -5.07 -12.23
CA GLY G 101 -17.05 -6.37 -12.73
C GLY G 101 -16.61 -7.59 -11.95
N SER G 102 -15.82 -7.38 -10.88
CA SER G 102 -15.33 -8.45 -10.00
C SER G 102 -16.36 -9.43 -9.44
N SER G 103 -15.93 -10.68 -9.24
CA SER G 103 -16.79 -11.73 -8.73
C SER G 103 -16.34 -12.24 -7.36
N ASP G 104 -15.40 -11.52 -6.77
CA ASP G 104 -14.91 -11.78 -5.43
C ASP G 104 -15.55 -10.81 -4.47
N LEU G 105 -16.60 -11.25 -3.78
CA LEU G 105 -17.43 -10.33 -3.00
C LEU G 105 -17.24 -10.56 -1.50
N TYR G 106 -17.77 -9.66 -0.69
CA TYR G 106 -17.61 -9.74 0.75
C TYR G 106 -18.87 -9.25 1.36
N LEU G 107 -19.54 -10.13 2.11
CA LEU G 107 -20.70 -9.74 2.89
C LEU G 107 -20.32 -9.32 4.32
N VAL G 108 -20.85 -8.16 4.70
CA VAL G 108 -20.74 -7.61 6.04
C VAL G 108 -22.03 -7.84 6.78
N THR G 109 -21.91 -8.41 7.98
CA THR G 109 -23.08 -8.84 8.76
C THR G 109 -23.38 -7.87 9.90
N ARG G 110 -24.46 -8.14 10.64
CA ARG G 110 -24.83 -7.32 11.80
C ARG G 110 -23.82 -7.47 12.95
N HIS G 111 -23.00 -8.51 12.86
CA HIS G 111 -22.07 -8.85 13.94
C HIS G 111 -20.67 -8.45 13.49
N ALA G 112 -20.61 -7.62 12.46
CA ALA G 112 -19.36 -7.08 11.91
C ALA G 112 -18.40 -8.14 11.32
N ASP G 113 -18.93 -9.32 10.98
CA ASP G 113 -18.13 -10.30 10.26
C ASP G 113 -18.09 -9.94 8.78
N VAL G 114 -16.98 -10.19 8.10
CA VAL G 114 -17.01 -10.00 6.67
C VAL G 114 -16.73 -11.33 6.03
N ILE G 115 -17.73 -11.89 5.34
CA ILE G 115 -17.56 -13.23 4.81
C ILE G 115 -17.46 -13.28 3.27
N PRO G 116 -16.49 -14.07 2.75
CA PRO G 116 -16.27 -14.10 1.30
C PRO G 116 -17.41 -14.78 0.52
N VAL G 117 -17.85 -14.23 -0.59
CA VAL G 117 -18.78 -15.01 -1.41
C VAL G 117 -18.38 -14.80 -2.84
N ARG G 118 -18.68 -15.82 -3.59
CA ARG G 118 -18.33 -15.85 -5.02
C ARG G 118 -19.54 -15.45 -5.85
N ARG G 119 -19.45 -14.35 -6.57
CA ARG G 119 -20.56 -13.92 -7.36
C ARG G 119 -20.81 -14.98 -8.40
N ARG G 120 -22.07 -15.38 -8.55
CA ARG G 120 -22.44 -16.41 -9.51
C ARG G 120 -23.59 -15.97 -10.42
N GLY G 121 -23.91 -14.68 -10.41
CA GLY G 121 -25.04 -14.13 -11.17
C GLY G 121 -25.02 -12.64 -10.97
N ASP G 122 -26.00 -11.89 -11.43
CA ASP G 122 -25.83 -10.48 -11.09
C ASP G 122 -26.61 -10.05 -9.83
N SER G 123 -27.34 -11.00 -9.22
CA SER G 123 -27.94 -10.84 -7.89
C SER G 123 -27.63 -12.03 -6.96
N ARG G 124 -26.65 -12.86 -7.34
CA ARG G 124 -26.37 -14.10 -6.61
C ARG G 124 -24.91 -14.37 -6.37
N GLY G 125 -24.61 -14.82 -5.15
CA GLY G 125 -23.29 -15.30 -4.80
C GLY G 125 -23.37 -16.52 -3.91
N SER G 126 -22.47 -17.46 -4.13
CA SER G 126 -22.38 -18.58 -3.23
C SER G 126 -21.41 -18.36 -2.08
N LEU G 127 -21.79 -18.89 -0.92
CA LEU G 127 -20.98 -18.86 0.28
C LEU G 127 -19.86 -19.90 0.22
N LEU G 128 -18.65 -19.47 0.59
CA LEU G 128 -17.45 -20.31 0.46
C LEU G 128 -17.41 -21.39 1.53
N SER G 129 -18.10 -21.10 2.65
CA SER G 129 -18.41 -22.04 3.71
C SER G 129 -19.86 -21.76 4.08
N PRO G 130 -20.72 -22.79 4.02
CA PRO G 130 -22.14 -22.65 4.36
C PRO G 130 -22.29 -22.25 5.83
N ARG G 131 -23.36 -21.55 6.15
CA ARG G 131 -23.54 -20.99 7.48
C ARG G 131 -24.92 -21.37 8.00
N PRO G 132 -25.04 -21.52 9.34
CA PRO G 132 -26.40 -21.60 9.89
C PRO G 132 -27.19 -20.34 9.51
N VAL G 133 -28.44 -20.54 9.13
CA VAL G 133 -29.39 -19.47 8.86
C VAL G 133 -29.46 -18.40 9.96
N SER G 134 -29.42 -18.82 11.20
CA SER G 134 -29.46 -17.92 12.35
C SER G 134 -28.27 -16.95 12.35
N TYR G 135 -27.22 -17.31 11.60
CA TYR G 135 -26.00 -16.53 11.49
C TYR G 135 -26.15 -15.34 10.52
N LEU G 136 -27.00 -15.51 9.51
CA LEU G 136 -27.24 -14.49 8.52
C LEU G 136 -28.46 -13.60 8.83
N LYS G 137 -29.38 -14.09 9.68
CA LYS G 137 -30.62 -13.37 10.05
C LYS G 137 -30.32 -12.05 10.69
N GLY G 138 -31.00 -11.00 10.25
CA GLY G 138 -30.81 -9.65 10.81
C GLY G 138 -29.71 -8.84 10.16
N SER G 139 -29.22 -9.35 9.02
CA SER G 139 -28.17 -8.74 8.22
C SER G 139 -28.62 -8.33 6.82
N SER G 140 -29.88 -8.58 6.47
CA SER G 140 -30.42 -8.05 5.22
C SER G 140 -30.26 -6.53 5.28
N GLY G 141 -30.00 -5.88 4.13
CA GLY G 141 -29.74 -4.43 4.08
C GLY G 141 -28.24 -4.15 4.15
N GLY G 142 -27.46 -5.17 4.48
CA GLY G 142 -26.02 -5.05 4.53
C GLY G 142 -25.33 -5.19 3.19
N PRO G 143 -24.11 -4.61 3.08
CA PRO G 143 -23.47 -4.47 1.78
C PRO G 143 -22.69 -5.69 1.33
N LEU G 144 -22.80 -6.02 0.05
CA LEU G 144 -21.73 -6.82 -0.57
C LEU G 144 -20.71 -5.88 -1.23
N LEU G 145 -19.45 -6.09 -0.87
CA LEU G 145 -18.35 -5.25 -1.33
C LEU G 145 -17.51 -5.99 -2.38
N CYS G 146 -16.89 -5.26 -3.29
CA CYS G 146 -15.91 -5.86 -4.19
C CYS G 146 -14.53 -5.71 -3.51
N PRO G 147 -13.44 -6.26 -4.10
CA PRO G 147 -12.20 -6.17 -3.33
C PRO G 147 -11.61 -4.76 -3.14
N SER G 148 -12.06 -3.79 -3.95
CA SER G 148 -11.72 -2.38 -3.76
C SER G 148 -12.63 -1.69 -2.73
N GLY G 149 -13.55 -2.41 -2.11
CA GLY G 149 -14.45 -1.81 -1.15
C GLY G 149 -15.58 -0.98 -1.71
N HIS G 150 -15.96 -1.20 -2.97
CA HIS G 150 -17.13 -0.54 -3.55
C HIS G 150 -18.34 -1.43 -3.32
N ALA G 151 -19.53 -0.83 -3.38
CA ALA G 151 -20.78 -1.52 -3.11
C ALA G 151 -21.32 -2.20 -4.37
N VAL G 152 -21.52 -3.52 -4.27
CA VAL G 152 -22.00 -4.33 -5.38
C VAL G 152 -23.51 -4.52 -5.24
N GLY G 153 -24.00 -4.50 -4.03
CA GLY G 153 -25.43 -4.57 -3.77
C GLY G 153 -25.67 -4.68 -2.29
N ILE G 154 -26.94 -4.87 -1.91
CA ILE G 154 -27.33 -5.12 -0.53
C ILE G 154 -28.00 -6.50 -0.35
N PHE G 155 -27.62 -7.20 0.72
CA PHE G 155 -28.14 -8.50 1.12
C PHE G 155 -29.67 -8.55 1.23
N ARG G 156 -30.31 -9.43 0.47
CA ARG G 156 -31.78 -9.48 0.45
C ARG G 156 -32.39 -10.77 1.09
N ALA G 157 -31.75 -11.91 0.78
CA ALA G 157 -32.24 -13.23 1.12
C ALA G 157 -31.10 -14.24 1.02
N ALA G 158 -31.28 -15.38 1.69
CA ALA G 158 -30.32 -16.48 1.61
C ALA G 158 -31.00 -17.72 1.02
N VAL G 159 -30.24 -18.40 0.17
CA VAL G 159 -30.58 -19.70 -0.42
C VAL G 159 -30.17 -20.85 0.51
N CYS G 160 -31.15 -21.69 0.78
CA CYS G 160 -30.91 -22.87 1.56
C CYS G 160 -31.14 -24.13 0.66
N THR G 161 -30.08 -24.95 0.63
CA THR G 161 -30.15 -26.29 0.10
C THR G 161 -30.27 -27.15 1.40
N ARG G 162 -31.06 -26.66 2.39
CA ARG G 162 -31.45 -27.45 3.61
C ARG G 162 -31.41 -26.90 5.07
N GLY G 163 -31.71 -25.64 5.36
CA GLY G 163 -31.65 -25.19 6.79
C GLY G 163 -30.30 -24.58 7.20
N VAL G 164 -29.28 -24.84 6.39
CA VAL G 164 -28.04 -24.06 6.37
C VAL G 164 -27.98 -23.27 5.04
N ALA G 165 -27.36 -22.09 5.07
CA ALA G 165 -27.26 -21.27 3.88
C ALA G 165 -26.04 -21.64 2.99
N LYS G 166 -26.26 -21.67 1.68
CA LYS G 166 -25.19 -21.94 0.72
C LYS G 166 -24.93 -20.78 -0.22
N ALA G 167 -25.90 -19.90 -0.32
CA ALA G 167 -25.88 -18.83 -1.30
C ALA G 167 -26.63 -17.64 -0.75
N VAL G 168 -26.36 -16.48 -1.33
CA VAL G 168 -27.04 -15.27 -0.96
C VAL G 168 -27.69 -14.55 -2.14
N ASP G 169 -28.88 -14.01 -1.90
CA ASP G 169 -29.51 -13.05 -2.82
C ASP G 169 -29.24 -11.61 -2.39
N PHE G 170 -28.99 -10.73 -3.34
CA PHE G 170 -28.74 -9.33 -3.04
C PHE G 170 -29.32 -8.42 -4.12
N VAL G 171 -29.76 -7.23 -3.72
CA VAL G 171 -30.18 -6.21 -4.68
C VAL G 171 -28.92 -5.73 -5.36
N PRO G 172 -28.84 -5.86 -6.70
CA PRO G 172 -27.66 -5.29 -7.37
C PRO G 172 -27.63 -3.77 -7.25
N VAL G 173 -26.44 -3.19 -7.15
CA VAL G 173 -26.32 -1.73 -7.09
C VAL G 173 -26.86 -1.04 -8.33
N GLU G 174 -26.69 -1.66 -9.49
CA GLU G 174 -27.19 -1.07 -10.76
C GLU G 174 -28.70 -0.84 -10.78
N SER G 175 -29.43 -1.58 -9.98
CA SER G 175 -30.86 -1.39 -9.89
C SER G 175 -31.18 -0.35 -8.82
N MET G 176 -30.24 -0.11 -7.92
CA MET G 176 -30.35 1.03 -7.00
C MET G 176 -30.15 2.35 -7.77
N GLU G 177 -29.19 2.36 -8.70
CA GLU G 177 -28.87 3.55 -9.49
C GLU G 177 -30.02 3.88 -10.44
N THR G 178 -30.61 2.82 -11.00
CA THR G 178 -31.74 2.91 -11.90
C THR G 178 -32.98 3.50 -11.24
N THR G 179 -33.28 3.09 -10.01
CA THR G 179 -34.47 3.60 -9.33
C THR G 179 -34.29 5.10 -8.95
N MET G 180 -33.04 5.55 -8.82
CA MET G 180 -32.78 6.99 -8.62
C MET G 180 -33.11 7.83 -9.86
N ARG G 181 -34.06 7.39 -10.68
CA ARG G 181 -34.39 8.07 -11.94
C ARG G 181 -35.89 8.22 -12.13
N LYS H 2 -46.36 3.09 10.49
CA LYS H 2 -46.60 4.48 11.02
C LYS H 2 -45.67 4.78 12.18
N GLY H 3 -45.24 3.74 12.91
CA GLY H 3 -44.04 3.84 13.78
C GLY H 3 -42.81 4.04 12.89
N SER H 4 -41.64 4.28 13.46
CA SER H 4 -40.43 4.56 12.64
C SER H 4 -39.33 3.51 12.68
N VAL H 5 -38.48 3.53 11.66
CA VAL H 5 -37.24 2.75 11.65
C VAL H 5 -36.17 3.57 12.38
N VAL H 6 -35.40 2.89 13.22
CA VAL H 6 -34.53 3.57 14.18
C VAL H 6 -33.12 3.00 14.12
N ILE H 7 -32.13 3.89 13.88
CA ILE H 7 -30.68 3.60 13.97
C ILE H 7 -30.30 3.25 15.42
N VAL H 8 -29.72 2.08 15.62
CA VAL H 8 -29.42 1.59 16.99
C VAL H 8 -27.95 1.23 17.12
N GLY H 9 -27.20 1.50 16.07
CA GLY H 9 -25.83 1.08 15.96
C GLY H 9 -25.28 1.33 14.58
N ARG H 10 -24.05 0.91 14.36
CA ARG H 10 -23.38 1.10 13.09
C ARG H 10 -22.25 0.09 12.95
N ILE H 11 -21.91 -0.23 11.71
CA ILE H 11 -20.73 -1.03 11.39
C ILE H 11 -19.76 -0.12 10.66
N VAL H 12 -18.53 0.00 11.18
CA VAL H 12 -17.53 0.91 10.62
C VAL H 12 -16.57 0.11 9.72
N LEU H 13 -16.32 0.59 8.49
CA LEU H 13 -15.43 -0.09 7.54
C LEU H 13 -14.14 0.69 7.35
C1 30B I . 30.60 13.65 -14.40
C2 30B I . 31.22 13.78 -13.01
C3 30B I . 31.14 12.37 -12.43
C4 30B I . 31.53 11.48 -13.62
C5 30B I . 30.72 12.15 -14.77
C6 30B I . 31.70 12.30 -10.99
O7 30B I . 32.72 12.87 -10.64
N8 30B I . 30.93 11.67 -10.09
C9 30B I . 30.58 14.89 -12.13
O10 30B I . 29.60 14.62 -11.42
C11 30B I . 30.49 12.94 -8.18
C12 30B I . 32.38 11.09 -7.91
N13 30B I . 31.17 16.13 -12.15
C14 30B I . 30.69 17.28 -11.36
C15 30B I . 32.33 16.41 -13.02
C16 30B I . 31.10 11.58 -8.64
C17 30B I . 29.83 11.63 -7.78
C18 30B I . 31.15 13.67 -7.00
C19 30B I . 31.67 17.48 -10.17
C20 30B I . 31.95 16.30 -9.24
C21 30B I . 30.84 15.90 -8.26
C22 30B I . 31.30 15.02 -7.07
O23 30B I . 29.39 11.61 -14.97
C24 30B I . 25.25 9.42 -16.73
C25 30B I . 25.44 10.56 -15.93
C26 30B I . 26.77 10.89 -15.62
C27 30B I . 27.86 10.11 -16.09
C28 30B I . 27.64 8.99 -16.89
C29 30B I . 26.31 8.63 -17.20
C30 30B I . 29.16 10.47 -15.76
C31 30B I . 30.21 9.70 -16.22
C32 30B I . 29.93 8.57 -16.99
N33 30B I . 28.68 8.23 -17.32
C34 30B I . 31.07 7.81 -17.55
S35 30B I . 30.71 6.25 -18.31
C36 30B I . 32.38 5.99 -18.82
C37 30B I . 33.05 7.12 -18.35
N38 30B I . 32.34 8.11 -17.70
C39 30B I . 34.47 7.04 -18.75
C40 30B I . 35.42 7.61 -17.73
C41 30B I . 34.58 7.86 -20.03
O42 30B I . 23.95 9.04 -17.08
C43 30B I . 22.87 9.82 -16.58
C44 30B I . 26.06 7.42 -18.08
N45 30B I . 33.24 10.37 -8.59
O46 30B I . 32.60 11.32 -6.73
S47 30B I . 34.53 9.84 -7.94
C48 30B I . 35.42 9.13 -9.18
O49 30B I . 35.32 10.87 -7.31
O50 30B I . 34.08 8.85 -7.01
C51 30B I . 35.18 7.62 -9.31
C52 30B I . 36.44 8.13 -8.64
ZN ZN J . 11.19 2.64 -0.65
C1 30B K . -3.26 30.61 -2.96
C2 30B K . -3.78 30.49 -4.40
C3 30B K . -4.98 29.52 -4.25
C4 30B K . -5.69 30.02 -3.00
C5 30B K . -4.48 30.28 -2.07
C6 30B K . -5.75 29.29 -5.56
O7 30B K . -6.02 30.19 -6.35
N8 30B K . -6.05 28.02 -5.77
C9 30B K . -2.78 30.05 -5.50
O10 30B K . -2.64 28.88 -5.74
C11 30B K . -5.35 27.18 -7.76
C12 30B K . -7.88 28.06 -7.71
N13 30B K . -2.09 30.98 -6.21
C14 30B K . -1.19 30.63 -7.31
C15 30B K . -2.22 32.42 -6.01
C16 30B K . -6.64 27.48 -6.99
C17 30B K . -6.34 26.06 -7.41
C18 30B K . -5.22 27.52 -9.26
C19 30B K . -1.93 31.16 -8.56
C20 30B K . -3.19 30.43 -9.06
C21 30B K . -3.08 28.90 -9.11
C22 30B K . -4.25 28.25 -9.82
O23 30B K . -4.22 29.08 -1.31
C24 30B K . -3.21 26.30 2.70
C25 30B K . -2.69 26.37 1.39
C26 30B K . -3.19 27.27 0.46
C27 30B K . -4.22 28.10 0.87
C28 30B K . -4.74 28.02 2.16
C29 30B K . -4.26 27.13 3.09
C30 30B K . -4.75 29.00 -0.04
C31 30B K . -5.78 29.82 0.37
C32 30B K . -6.23 29.68 1.68
N33 30B K . -5.73 28.81 2.52
C34 30B K . -7.34 30.53 2.15
S35 30B K . -7.84 30.16 3.78
C36 30B K . -9.12 31.42 3.77
C37 30B K . -9.00 32.01 2.51
N38 30B K . -8.05 31.53 1.65
C39 30B K . -9.97 33.11 2.23
C40 30B K . -9.23 34.12 1.39
C41 30B K . -10.62 33.74 3.47
O42 30B K . -2.60 25.36 3.57
C43 30B K . -1.23 25.06 3.37
C44 30B K . -4.88 27.12 4.48
N45 30B K . -8.78 28.72 -6.96
O46 30B K . -8.07 27.81 -8.89
S47 30B K . -10.07 29.26 -7.60
C48 30B K . -10.83 30.34 -6.56
O49 30B K . -9.61 29.96 -8.75
O50 30B K . -10.92 28.16 -7.99
C51 30B K . -11.70 29.60 -5.57
C52 30B K . -12.34 30.40 -6.72
ZN ZN L . -5.09 4.43 -4.43
C1 30B M . 10.31 -29.33 16.57
C2 30B M . 9.43 -29.54 15.34
C3 30B M . 10.20 -28.70 14.28
C4 30B M . 11.64 -29.12 14.46
C5 30B M . 11.73 -29.19 16.00
C6 30B M . 9.55 -28.74 12.91
O7 30B M . 9.19 -29.78 12.39
N8 30B M . 9.41 -27.54 12.36
C9 30B M . 7.95 -29.17 15.45
O10 30B M . 7.60 -28.02 15.25
C11 30B M . 7.33 -26.73 11.68
C12 30B M . 8.89 -27.77 9.78
N13 30B M . 7.06 -30.12 15.71
C14 30B M . 5.63 -29.83 15.78
C15 30B M . 7.43 -31.52 15.95
C16 30B M . 8.73 -27.11 11.15
C17 30B M . 8.24 -25.69 10.99
C18 30B M . 6.11 -27.26 10.90
C19 30B M . 4.96 -30.42 14.51
C20 30B M . 5.39 -29.89 13.12
C21 30B M . 4.95 -28.45 12.87
C22 30B M . 5.10 -28.02 11.41
O23 30B M . 12.24 -27.97 16.49
C24 30B M . 14.57 -24.58 19.30
C25 30B M . 13.21 -24.84 19.02
C26 30B M . 12.89 -25.87 18.17
C27 30B M . 13.91 -26.66 17.61
C28 30B M . 15.24 -26.40 17.90
C29 30B M . 15.59 -25.34 18.73
C30 30B M . 13.58 -27.72 16.76
C31 30B M . 14.58 -28.48 16.23
C32 30B M . 15.90 -28.19 16.56
N33 30B M . 16.22 -27.17 17.37
C34 30B M . 16.96 -29.05 15.99
S35 30B M . 18.62 -28.58 16.33
C36 30B M . 19.30 -29.94 15.38
C37 30B M . 18.18 -30.65 14.96
N38 30B M . 16.95 -30.15 15.27
C39 30B M . 18.51 -31.85 14.13
C40 30B M . 17.41 -32.90 14.27
C41 30B M . 19.95 -32.41 14.30
O42 30B M . 14.91 -23.49 20.17
C43 30B M . 13.91 -22.98 21.08
C44 30B M . 17.06 -25.08 19.01
N45 30B M . 10.01 -28.47 9.53
O46 30B M . 8.04 -27.58 8.93
S47 30B M . 10.32 -29.14 8.20
C48 30B M . 11.72 -30.02 8.43
O49 30B M . 9.31 -30.05 7.81
O50 30B M . 10.42 -28.16 7.16
C51 30B M . 12.87 -29.24 7.81
C52 30B M . 12.29 -30.45 7.08
ZN ZN N . 8.30 -3.83 10.76
C1 GOL O . 38.16 10.99 2.79
C1 GOL O . 5.25 -30.93 -1.86
O1 GOL O . 37.69 9.94 3.63
O1 GOL O . 4.27 -31.88 -2.28
C2 GOL O . 38.00 12.31 3.53
C2 GOL O . 4.76 -29.52 -2.19
O2 GOL O . 38.92 12.38 4.62
O2 GOL O . 4.55 -28.79 -1.00
C3 GOL O . 38.24 13.47 2.55
C3 GOL O . 5.81 -28.83 -3.05
O3 GOL O . 39.22 14.33 3.11
O3 GOL O . 5.67 -27.42 -2.90
C1 30B P . -37.14 -14.61 2.08
C2 30B P . -36.30 -14.62 3.34
C3 30B P . -35.66 -13.24 3.37
C4 30B P . -36.80 -12.32 2.94
C5 30B P . -37.50 -13.15 1.86
C6 30B P . -34.85 -12.99 4.67
O7 30B P . -35.24 -13.33 5.78
N8 30B P . -33.67 -12.42 4.44
C9 30B P . -35.20 -15.69 3.44
O10 30B P . -34.07 -15.46 3.00
C11 30B P . -31.70 -13.39 5.23
C12 30B P . -32.79 -11.45 6.74
N13 30B P . -35.56 -16.85 4.07
C14 30B P . -34.62 -17.94 4.30
C15 30B P . -36.90 -17.10 4.62
C16 30B P . -32.58 -12.11 5.36
C17 30B P . -31.16 -12.03 4.81
C18 30B P . -31.12 -14.01 6.51
C19 30B P . -34.22 -17.85 5.80
C20 30B P . -33.56 -16.56 6.34
C21 30B P . -32.10 -16.32 5.91
C22 30B P . -31.32 -15.31 6.79
O23 30B P . -37.05 -12.79 0.55
C24 30B P . -36.23 -11.15 -4.11
C25 30B P . -35.64 -12.18 -3.36
C26 30B P . -36.14 -12.37 -2.06
C27 30B P . -37.17 -11.57 -1.53
C28 30B P . -37.75 -10.57 -2.30
C29 30B P . -37.27 -10.34 -3.59
C30 30B P . -37.62 -11.78 -0.23
C31 30B P . -38.67 -11.01 0.26
C32 30B P . -39.19 -10.02 -0.53
N33 30B P . -38.76 -9.79 -1.79
C34 30B P . -40.32 -9.26 0.05
S35 30B P . -40.95 -7.85 -0.81
C36 30B P . -42.26 -7.62 0.41
C37 30B P . -42.10 -8.66 1.33
N38 30B P . -41.08 -9.52 1.10
C39 30B P . -43.06 -8.72 2.50
C40 30B P . -44.06 -9.83 2.16
C41 30B P . -43.85 -7.44 2.80
O42 30B P . -35.73 -10.95 -5.43
C43 30B P . -34.91 -11.95 -6.08
C44 30B P . -37.95 -9.23 -4.40
N45 30B P . -33.89 -10.72 7.01
O46 30B P . -31.90 -11.53 7.56
S47 30B P . -34.10 -10.03 8.40
C48 30B P . -35.66 -9.41 8.58
O49 30B P . -33.86 -11.00 9.42
O50 30B P . -33.09 -9.02 8.56
C51 30B P . -35.80 -7.97 8.12
C52 30B P . -35.78 -8.28 9.61
ZN ZN Q . -15.49 -3.10 -7.68
C1 GOL R . -16.50 27.66 -17.22
C1 GOL R . -28.53 -8.53 18.39
O1 GOL R . -16.11 26.30 -17.37
O1 GOL R . -27.47 -7.67 18.04
C2 GOL R . -15.59 28.50 -18.09
C2 GOL R . -28.07 -9.96 18.09
O2 GOL R . -15.55 27.88 -19.35
O2 GOL R . -27.21 -9.93 16.97
C3 GOL R . -16.15 29.91 -18.22
C3 GOL R . -27.28 -10.51 19.26
O3 GOL R . -15.46 30.57 -19.27
O3 GOL R . -27.06 -11.88 19.05
#